data_4R1S
#
_entry.id   4R1S
#
_cell.length_a   60.177
_cell.length_b   61.232
_cell.length_c   222.239
_cell.angle_alpha   90.00
_cell.angle_beta   90.00
_cell.angle_gamma   90.00
#
_symmetry.space_group_name_H-M   'P 21 21 21'
#
loop_
_entity.id
_entity.type
_entity.pdbx_description
1 polymer 'cinnamoyl CoA reductase'
2 non-polymer 'NADP NICOTINAMIDE-ADENINE-DINUCLEOTIDE PHOSPHATE'
3 water water
#
_entity_poly.entity_id   1
_entity_poly.type   'polypeptide(L)'
_entity_poly.pdbx_seq_one_letter_code
;GSHGMRSVSGQVVCVTGAGGFIASWLVKILLEKGYTVRGTVRNPDDPKNGHLRELEGAKERLTLCKADLLDYQSLREAIN
GCDGVFHTASPVTDDPEQMVEPAVIGTKNVINAAAEANVRRVVFTSSIGAVYMDPNRDPETVVDETCWSDPDFCKNTKNW
YCYGKMVAEQAAWEEAKEKGVDLVVINPVLVQGPLLQTTVNASVLHILKYLTGSAKTYANSVQAYVDVKDVALAHILLYE
TPEASGRYLCAESVLHRGDVVEILSKFFPEYPIPTKCSDVTKPRVKPYKFSNQKLKDLGLEFTPVKQCLYETVKSLQEKG
HLPIPTQKDEPIIRIQP
;
_entity_poly.pdbx_strand_id   A,B
#
loop_
_chem_comp.id
_chem_comp.type
_chem_comp.name
_chem_comp.formula
NAP non-polymer 'NADP NICOTINAMIDE-ADENINE-DINUCLEOTIDE PHOSPHATE' 'C21 H28 N7 O17 P3'
#
# COMPACT_ATOMS: atom_id res chain seq x y z
N VAL A 8 19.65 36.41 -4.85
CA VAL A 8 19.58 34.95 -4.76
C VAL A 8 20.32 34.30 -5.91
N SER A 9 20.71 35.13 -6.89
CA SER A 9 21.45 34.63 -8.04
C SER A 9 22.85 34.22 -7.60
N GLY A 10 23.33 33.14 -8.19
CA GLY A 10 24.59 32.58 -7.75
C GLY A 10 24.41 31.61 -6.59
N GLN A 11 23.23 31.57 -5.98
CA GLN A 11 23.00 30.59 -4.90
C GLN A 11 22.72 29.19 -5.43
N VAL A 12 23.25 28.18 -4.74
CA VAL A 12 23.16 26.81 -5.20
C VAL A 12 22.52 26.01 -4.08
N VAL A 13 21.47 25.27 -4.43
CA VAL A 13 20.81 24.42 -3.44
C VAL A 13 20.61 23.01 -3.96
N CYS A 14 20.66 22.06 -3.04
CA CYS A 14 20.39 20.68 -3.34
C CYS A 14 18.94 20.37 -2.90
N VAL A 15 18.19 19.71 -3.75
CA VAL A 15 16.95 19.09 -3.36
C VAL A 15 17.09 17.58 -3.47
N THR A 16 16.95 16.87 -2.35
CA THR A 16 17.00 15.42 -2.42
C THR A 16 15.66 14.87 -2.92
N GLY A 17 15.74 13.84 -3.73
CA GLY A 17 14.54 13.21 -4.28
C GLY A 17 13.73 14.17 -5.14
N ALA A 18 14.43 14.79 -6.07
CA ALA A 18 13.88 15.95 -6.78
C ALA A 18 12.69 15.69 -7.70
N GLY A 19 12.52 14.44 -8.13
CA GLY A 19 11.43 14.09 -9.04
C GLY A 19 10.13 13.73 -8.37
N GLY A 20 10.10 13.78 -7.05
CA GLY A 20 8.90 13.45 -6.30
C GLY A 20 7.79 14.50 -6.36
N PHE A 21 6.64 14.20 -5.76
CA PHE A 21 5.50 15.11 -5.83
C PHE A 21 5.79 16.53 -5.30
N ILE A 22 6.14 16.61 -4.02
CA ILE A 22 6.45 17.89 -3.40
C ILE A 22 7.73 18.49 -3.99
N ALA A 23 8.76 17.67 -4.12
CA ALA A 23 10.08 18.15 -4.56
C ALA A 23 10.03 18.76 -5.98
N SER A 24 9.20 18.20 -6.84
CA SER A 24 9.13 18.71 -8.22
C SER A 24 8.63 20.16 -8.21
N TRP A 25 7.65 20.45 -7.37
CA TRP A 25 7.14 21.80 -7.23
C TRP A 25 8.19 22.69 -6.59
N LEU A 26 8.89 22.18 -5.58
CA LEU A 26 9.98 22.91 -4.96
C LEU A 26 11.05 23.27 -6.00
N VAL A 27 11.48 22.30 -6.81
CA VAL A 27 12.49 22.59 -7.81
C VAL A 27 11.97 23.63 -8.80
N LYS A 28 10.72 23.49 -9.21
CA LYS A 28 10.12 24.42 -10.18
C LYS A 28 10.17 25.84 -9.70
N ILE A 29 9.78 26.04 -8.46
CA ILE A 29 9.75 27.36 -7.88
C ILE A 29 11.13 27.91 -7.54
N LEU A 30 12.04 27.05 -7.09
CA LEU A 30 13.42 27.47 -6.89
C LEU A 30 14.01 27.98 -8.20
N LEU A 31 13.79 27.26 -9.28
CA LEU A 31 14.32 27.70 -10.57
C LEU A 31 13.69 29.03 -11.01
N GLU A 32 12.39 29.18 -10.76
CA GLU A 32 11.70 30.44 -11.09
C GLU A 32 12.29 31.60 -10.29
N LYS A 33 12.71 31.34 -9.08
CA LYS A 33 13.28 32.38 -8.22
C LYS A 33 14.74 32.68 -8.52
N GLY A 34 15.32 31.94 -9.46
CA GLY A 34 16.70 32.16 -9.88
C GLY A 34 17.81 31.30 -9.30
N TYR A 35 17.44 30.33 -8.48
CA TYR A 35 18.42 29.42 -7.90
C TYR A 35 19.04 28.50 -8.91
N THR A 36 20.29 28.11 -8.66
CA THR A 36 20.88 26.92 -9.27
C THR A 36 20.53 25.75 -8.37
N VAL A 37 20.04 24.66 -8.97
CA VAL A 37 19.55 23.51 -8.24
C VAL A 37 20.28 22.24 -8.65
N ARG A 38 20.72 21.51 -7.63
CA ARG A 38 21.27 20.18 -7.80
C ARG A 38 20.23 19.24 -7.20
N GLY A 39 19.43 18.65 -8.07
CA GLY A 39 18.38 17.75 -7.62
C GLY A 39 18.90 16.32 -7.64
N THR A 40 18.76 15.61 -6.54
CA THR A 40 19.20 14.20 -6.53
C THR A 40 18.04 13.28 -6.95
N VAL A 41 18.36 12.31 -7.79
CA VAL A 41 17.42 11.26 -8.19
C VAL A 41 18.24 9.97 -8.29
N ARG A 42 17.58 8.83 -8.12
CA ARG A 42 18.31 7.57 -8.16
C ARG A 42 18.87 7.25 -9.54
N ASN A 43 18.19 7.70 -10.59
CA ASN A 43 18.64 7.49 -11.95
C ASN A 43 18.23 8.63 -12.89
N PRO A 44 19.17 9.53 -13.18
CA PRO A 44 18.94 10.73 -14.00
C PRO A 44 18.37 10.41 -15.38
N ASP A 45 18.68 9.23 -15.89
CA ASP A 45 18.23 8.84 -17.22
C ASP A 45 16.84 8.21 -17.24
N ASP A 46 16.26 7.91 -16.07
CA ASP A 46 14.92 7.35 -15.97
C ASP A 46 13.88 8.35 -16.48
N PRO A 47 13.02 7.91 -17.42
CA PRO A 47 11.99 8.78 -17.99
C PRO A 47 11.05 9.38 -16.95
N LYS A 48 10.94 8.78 -15.77
CA LYS A 48 10.03 9.31 -14.76
C LYS A 48 10.53 10.66 -14.25
N ASN A 49 11.79 11.00 -14.57
CA ASN A 49 12.35 12.28 -14.15
C ASN A 49 12.27 13.35 -15.26
N GLY A 50 11.72 12.98 -16.42
CA GLY A 50 11.77 13.84 -17.57
C GLY A 50 11.09 15.19 -17.38
N HIS A 51 10.05 15.22 -16.55
CA HIS A 51 9.36 16.46 -16.28
C HIS A 51 10.28 17.53 -15.71
N LEU A 52 11.33 17.14 -14.97
CA LEU A 52 12.20 18.11 -14.35
C LEU A 52 13.03 18.87 -15.36
N ARG A 53 13.47 18.16 -16.39
CA ARG A 53 14.26 18.74 -17.47
C ARG A 53 13.48 19.82 -18.23
N GLU A 54 12.14 19.74 -18.22
CA GLU A 54 11.33 20.63 -19.04
C GLU A 54 10.90 21.90 -18.31
N LEU A 55 11.29 22.01 -17.04
CA LEU A 55 10.94 23.16 -16.24
C LEU A 55 11.66 24.39 -16.73
N GLU A 56 11.00 25.53 -16.56
CA GLU A 56 11.64 26.79 -16.91
C GLU A 56 12.93 26.99 -16.11
N GLY A 57 14.04 27.24 -16.81
CA GLY A 57 15.32 27.44 -16.16
C GLY A 57 16.15 26.17 -15.95
N ALA A 58 15.54 25.01 -16.19
CA ALA A 58 16.22 23.73 -15.89
C ALA A 58 17.45 23.54 -16.79
N LYS A 59 17.33 23.90 -18.06
CA LYS A 59 18.43 23.68 -18.99
C LYS A 59 19.73 24.33 -18.53
N GLU A 60 19.64 25.55 -18.01
CA GLU A 60 20.83 26.27 -17.57
C GLU A 60 21.19 26.03 -16.11
N ARG A 61 20.18 25.71 -15.28
CA ARG A 61 20.39 25.76 -13.84
C ARG A 61 19.98 24.55 -13.03
N LEU A 62 19.49 23.49 -13.67
CA LEU A 62 19.20 22.25 -12.93
C LEU A 62 20.16 21.17 -13.35
N THR A 63 20.87 20.61 -12.38
CA THR A 63 21.67 19.41 -12.60
C THR A 63 20.99 18.26 -11.87
N LEU A 64 20.80 17.14 -12.54
CA LEU A 64 20.29 15.95 -11.85
C LEU A 64 21.49 15.10 -11.44
N CYS A 65 21.67 14.95 -10.13
CA CYS A 65 22.76 14.20 -9.55
C CYS A 65 22.29 12.80 -9.20
N LYS A 66 22.99 11.79 -9.68
CA LYS A 66 22.64 10.42 -9.32
C LYS A 66 23.04 10.15 -7.87
N ALA A 67 22.04 9.85 -7.04
CA ALA A 67 22.32 9.58 -5.65
C ALA A 67 21.26 8.71 -5.01
N ASP A 68 21.67 8.05 -3.94
CA ASP A 68 20.75 7.32 -3.09
C ASP A 68 21.01 7.75 -1.66
N LEU A 69 19.96 7.81 -0.85
CA LEU A 69 20.06 8.16 0.56
C LEU A 69 21.01 7.26 1.35
N LEU A 70 21.15 6.00 0.94
CA LEU A 70 22.05 5.06 1.62
C LEU A 70 23.41 4.93 0.94
N ASP A 71 23.72 5.85 0.04
CA ASP A 71 25.05 5.93 -0.59
C ASP A 71 25.65 7.28 -0.21
N TYR A 72 26.40 7.28 0.88
CA TYR A 72 26.91 8.53 1.45
C TYR A 72 27.80 9.30 0.47
N GLN A 73 28.68 8.59 -0.23
CA GLN A 73 29.53 9.26 -1.22
C GLN A 73 28.70 9.95 -2.31
N SER A 74 27.60 9.35 -2.75
CA SER A 74 26.77 9.98 -3.77
C SER A 74 26.18 11.30 -3.25
N LEU A 75 25.92 11.36 -1.96
CA LEU A 75 25.37 12.55 -1.33
C LEU A 75 26.43 13.62 -1.18
N ARG A 76 27.65 13.21 -0.82
CA ARG A 76 28.79 14.12 -0.83
C ARG A 76 28.94 14.81 -2.19
N GLU A 77 28.84 14.04 -3.26
CA GLU A 77 29.01 14.60 -4.60
C GLU A 77 27.91 15.60 -4.98
N ALA A 78 26.68 15.27 -4.59
CA ALA A 78 25.54 16.13 -4.86
C ALA A 78 25.59 17.43 -4.06
N ILE A 79 25.94 17.30 -2.79
CA ILE A 79 25.83 18.42 -1.86
C ILE A 79 27.06 19.34 -1.90
N ASN A 80 28.18 18.83 -2.35
CA ASN A 80 29.40 19.64 -2.51
C ASN A 80 29.10 20.94 -3.24
N GLY A 81 29.42 22.10 -2.63
CA GLY A 81 29.28 23.40 -3.28
C GLY A 81 27.90 24.04 -3.12
N CYS A 82 26.99 23.36 -2.40
CA CYS A 82 25.66 23.93 -2.14
C CYS A 82 25.67 24.88 -0.96
N ASP A 83 24.89 25.96 -1.10
CA ASP A 83 24.62 26.89 0.00
C ASP A 83 23.52 26.34 0.91
N GLY A 84 22.61 25.55 0.37
CA GLY A 84 21.51 25.04 1.17
C GLY A 84 21.10 23.66 0.71
N VAL A 85 20.40 22.93 1.57
CA VAL A 85 19.88 21.63 1.21
C VAL A 85 18.42 21.52 1.65
N PHE A 86 17.58 21.08 0.72
CA PHE A 86 16.22 20.73 1.03
C PHE A 86 16.12 19.23 1.03
N HIS A 87 16.10 18.66 2.23
CA HIS A 87 16.10 17.21 2.33
C HIS A 87 14.66 16.70 2.38
N THR A 88 14.13 16.35 1.22
CA THR A 88 12.73 15.92 1.09
C THR A 88 12.58 14.42 0.77
N ALA A 89 13.63 13.77 0.32
CA ALA A 89 13.53 12.39 -0.15
C ALA A 89 13.26 11.45 1.03
N SER A 90 12.32 10.55 0.81
CA SER A 90 11.98 9.52 1.79
C SER A 90 11.12 8.46 1.14
N PRO A 91 11.26 7.20 1.59
CA PRO A 91 10.17 6.27 1.33
C PRO A 91 8.90 6.78 2.00
N VAL A 92 7.77 6.41 1.42
CA VAL A 92 6.46 6.75 1.97
C VAL A 92 5.67 5.46 2.00
N THR A 93 5.81 4.74 3.12
CA THR A 93 5.32 3.40 3.21
C THR A 93 5.24 2.99 4.67
N ASP A 94 4.24 2.17 4.99
CA ASP A 94 4.16 1.54 6.31
C ASP A 94 4.92 0.22 6.41
N ASP A 95 5.66 -0.15 5.37
CA ASP A 95 6.52 -1.34 5.46
C ASP A 95 7.83 -0.92 6.11
N PRO A 96 8.07 -1.36 7.36
CA PRO A 96 9.27 -0.88 8.08
C PRO A 96 10.56 -1.31 7.39
N GLU A 97 10.54 -2.43 6.68
CA GLU A 97 11.75 -2.87 5.96
C GLU A 97 12.14 -1.93 4.84
N GLN A 98 11.16 -1.27 4.25
CA GLN A 98 11.38 -0.26 3.25
C GLN A 98 11.57 1.14 3.84
N MET A 99 10.90 1.42 4.95
CA MET A 99 10.82 2.81 5.43
C MET A 99 12.03 3.24 6.27
N VAL A 100 12.43 2.39 7.21
CA VAL A 100 13.21 2.90 8.33
C VAL A 100 14.63 3.33 7.99
N GLU A 101 15.41 2.50 7.30
CA GLU A 101 16.83 2.88 7.09
C GLU A 101 16.97 4.11 6.18
N PRO A 102 16.22 4.15 5.05
CA PRO A 102 16.43 5.35 4.21
C PRO A 102 15.95 6.62 4.88
N ALA A 103 14.92 6.52 5.72
CA ALA A 103 14.47 7.66 6.48
C ALA A 103 15.52 8.11 7.53
N VAL A 104 15.96 7.19 8.37
CA VAL A 104 16.75 7.56 9.53
C VAL A 104 18.25 7.70 9.18
N ILE A 105 18.81 6.64 8.58
CA ILE A 105 20.21 6.68 8.15
CA ILE A 105 20.21 6.68 8.15
C ILE A 105 20.38 7.68 7.02
N GLY A 106 19.45 7.69 6.06
CA GLY A 106 19.52 8.64 4.95
C GLY A 106 19.55 10.07 5.44
N THR A 107 18.73 10.37 6.44
CA THR A 107 18.69 11.71 6.99
C THR A 107 19.99 12.06 7.73
N LYS A 108 20.52 11.12 8.51
CA LYS A 108 21.81 11.37 9.14
C LYS A 108 22.85 11.62 8.06
N ASN A 109 22.82 10.83 7.00
CA ASN A 109 23.78 10.97 5.92
C ASN A 109 23.71 12.35 5.31
N VAL A 110 22.48 12.83 5.03
CA VAL A 110 22.31 14.14 4.45
C VAL A 110 22.85 15.25 5.34
N ILE A 111 22.55 15.19 6.63
CA ILE A 111 23.04 16.22 7.54
C ILE A 111 24.58 16.21 7.60
N ASN A 112 25.17 15.01 7.66
CA ASN A 112 26.62 14.90 7.69
C ASN A 112 27.29 15.41 6.41
N ALA A 113 26.70 15.11 5.26
CA ALA A 113 27.24 15.63 4.00
C ALA A 113 27.13 17.14 3.98
N ALA A 114 26.01 17.65 4.47
CA ALA A 114 25.77 19.10 4.48
C ALA A 114 26.77 19.82 5.41
N ALA A 115 27.07 19.20 6.54
CA ALA A 115 28.06 19.73 7.46
C ALA A 115 29.42 19.80 6.78
N GLU A 116 29.84 18.73 6.12
CA GLU A 116 31.17 18.73 5.48
C GLU A 116 31.22 19.77 4.33
N ALA A 117 30.09 20.00 3.66
CA ALA A 117 30.00 21.00 2.59
C ALA A 117 29.89 22.45 3.07
N ASN A 118 29.81 22.63 4.39
CA ASN A 118 29.61 23.94 5.04
C ASN A 118 28.39 24.68 4.48
N VAL A 119 27.28 23.97 4.34
CA VAL A 119 26.05 24.62 3.87
C VAL A 119 25.53 25.58 4.92
N ARG A 120 24.81 26.61 4.47
CA ARG A 120 24.26 27.63 5.36
C ARG A 120 23.09 27.09 6.19
N ARG A 121 22.22 26.31 5.57
CA ARG A 121 21.04 25.79 6.25
C ARG A 121 20.51 24.56 5.53
N VAL A 122 19.99 23.62 6.33
CA VAL A 122 19.24 22.50 5.82
C VAL A 122 17.78 22.65 6.24
N VAL A 123 16.88 22.44 5.28
CA VAL A 123 15.44 22.32 5.57
C VAL A 123 15.04 20.87 5.38
N PHE A 124 14.46 20.30 6.42
CA PHE A 124 14.05 18.90 6.40
C PHE A 124 12.56 18.77 6.36
N THR A 125 12.08 17.99 5.41
CA THR A 125 10.65 17.66 5.34
C THR A 125 10.34 16.53 6.30
N SER A 126 9.75 16.87 7.43
CA SER A 126 9.15 15.89 8.31
C SER A 126 7.66 15.69 7.94
N SER A 127 6.82 15.50 8.94
CA SER A 127 5.40 15.23 8.72
C SER A 127 4.57 15.48 9.96
N ILE A 128 3.27 15.65 9.74
CA ILE A 128 2.31 15.68 10.83
C ILE A 128 2.35 14.34 11.58
N GLY A 129 2.83 13.29 10.91
CA GLY A 129 2.96 11.99 11.53
C GLY A 129 3.92 12.00 12.71
N ALA A 130 4.81 12.98 12.74
CA ALA A 130 5.78 13.14 13.83
C ALA A 130 5.25 14.06 14.92
N VAL A 131 4.05 14.56 14.71
CA VAL A 131 3.45 15.55 15.61
C VAL A 131 2.23 15.00 16.36
N TYR A 132 1.34 14.36 15.60
CA TYR A 132 -0.05 14.10 16.02
C TYR A 132 -0.28 12.80 16.80
N MET A 133 0.54 11.80 16.53
CA MET A 133 0.22 10.43 16.92
C MET A 133 0.60 10.16 18.38
N ASP A 134 -0.11 10.82 19.27
CA ASP A 134 0.09 10.66 20.71
C ASP A 134 -1.23 10.28 21.39
N PRO A 135 -1.29 9.05 21.94
CA PRO A 135 -2.47 8.52 22.64
C PRO A 135 -2.93 9.36 23.83
N ASN A 136 -1.96 9.86 24.59
CA ASN A 136 -2.25 10.58 25.83
C ASN A 136 -2.78 11.98 25.58
N ARG A 137 -2.14 12.70 24.66
CA ARG A 137 -2.54 14.08 24.37
C ARG A 137 -4.05 14.28 24.49
N ASP A 138 -4.45 15.25 25.30
CA ASP A 138 -5.85 15.57 25.45
C ASP A 138 -6.45 16.02 24.12
N PRO A 139 -7.63 15.49 23.78
CA PRO A 139 -8.33 15.78 22.53
C PRO A 139 -8.59 17.27 22.28
N GLU A 140 -8.68 18.08 23.33
CA GLU A 140 -9.02 19.50 23.18
C GLU A 140 -7.78 20.39 23.01
N THR A 141 -6.60 19.83 23.27
CA THR A 141 -5.34 20.55 23.12
C THR A 141 -5.09 20.95 21.66
N VAL A 142 -4.65 22.18 21.44
CA VAL A 142 -4.34 22.60 20.08
C VAL A 142 -3.10 21.86 19.59
N VAL A 143 -3.21 21.29 18.40
CA VAL A 143 -2.06 20.62 17.81
C VAL A 143 -1.13 21.68 17.23
N ASP A 144 0.12 21.70 17.73
CA ASP A 144 1.13 22.62 17.22
C ASP A 144 2.52 21.98 17.29
N GLU A 145 3.55 22.79 17.03
CA GLU A 145 4.91 22.31 16.92
C GLU A 145 5.52 21.73 18.20
N THR A 146 4.91 22.03 19.34
CA THR A 146 5.37 21.44 20.60
C THR A 146 4.93 19.98 20.74
N CYS A 147 4.02 19.54 19.88
CA CYS A 147 3.49 18.18 20.01
C CYS A 147 4.37 17.20 19.23
N TRP A 148 4.70 16.09 19.87
CA TRP A 148 5.40 14.99 19.23
C TRP A 148 4.59 13.71 19.36
N SER A 149 4.71 12.85 18.35
CA SER A 149 4.05 11.55 18.38
C SER A 149 4.71 10.63 19.39
N ASP A 150 3.98 9.58 19.78
CA ASP A 150 4.49 8.55 20.67
C ASP A 150 5.00 7.38 19.80
N PRO A 151 6.32 7.11 19.84
CA PRO A 151 6.94 6.08 18.98
C PRO A 151 6.41 4.67 19.22
N ASP A 152 6.33 4.26 20.48
CA ASP A 152 5.81 2.93 20.79
C ASP A 152 4.41 2.82 20.24
N PHE A 153 3.62 3.87 20.41
CA PHE A 153 2.28 3.88 19.88
C PHE A 153 2.24 3.72 18.35
N CYS A 154 3.14 4.42 17.67
CA CYS A 154 3.20 4.28 16.21
C CYS A 154 3.60 2.86 15.89
N LYS A 155 4.61 2.36 16.60
CA LYS A 155 5.08 0.98 16.44
C LYS A 155 3.98 -0.06 16.71
N ASN A 156 3.22 0.11 17.80
CA ASN A 156 2.23 -0.89 18.18
C ASN A 156 1.00 -0.87 17.27
N THR A 157 0.79 0.27 16.60
CA THR A 157 -0.36 0.40 15.69
C THR A 157 0.04 0.20 14.23
N LYS A 158 1.29 -0.20 14.03
CA LYS A 158 1.84 -0.44 12.70
C LYS A 158 1.80 0.83 11.82
N ASN A 159 1.85 1.98 12.46
CA ASN A 159 2.04 3.22 11.75
C ASN A 159 3.55 3.49 11.54
N TRP A 160 4.17 2.62 10.75
CA TRP A 160 5.61 2.65 10.57
C TRP A 160 6.07 3.85 9.77
N TYR A 161 5.24 4.38 8.90
CA TYR A 161 5.58 5.60 8.18
C TYR A 161 5.72 6.76 9.16
N CYS A 162 4.75 6.92 10.06
CA CYS A 162 4.81 7.95 11.09
C CYS A 162 6.02 7.71 12.00
N TYR A 163 6.22 6.48 12.44
CA TYR A 163 7.42 6.15 13.21
C TYR A 163 8.69 6.60 12.48
N GLY A 164 8.83 6.23 11.22
CA GLY A 164 10.03 6.55 10.47
C GLY A 164 10.24 8.06 10.33
N LYS A 165 9.18 8.80 10.02
CA LYS A 165 9.31 10.23 9.93
C LYS A 165 9.73 10.84 11.28
N MET A 166 9.13 10.39 12.37
CA MET A 166 9.48 10.93 13.69
C MET A 166 10.94 10.68 14.06
N VAL A 167 11.35 9.42 13.96
CA VAL A 167 12.71 9.03 14.30
C VAL A 167 13.70 9.72 13.34
N ALA A 168 13.33 9.91 12.09
CA ALA A 168 14.21 10.63 11.17
C ALA A 168 14.34 12.09 11.59
N GLU A 169 13.24 12.69 12.04
CA GLU A 169 13.27 14.07 12.48
C GLU A 169 14.13 14.18 13.74
N GLN A 170 13.97 13.25 14.66
CA GLN A 170 14.77 13.25 15.88
C GLN A 170 16.24 13.09 15.53
N ALA A 171 16.55 12.19 14.60
CA ALA A 171 17.93 12.00 14.15
C ALA A 171 18.49 13.28 13.54
N ALA A 172 17.65 14.01 12.80
CA ALA A 172 18.09 15.24 12.13
C ALA A 172 18.50 16.28 13.15
N TRP A 173 17.67 16.51 14.16
CA TRP A 173 17.99 17.48 15.21
C TRP A 173 19.27 17.08 15.93
N GLU A 174 19.37 15.80 16.30
CA GLU A 174 20.54 15.29 17.02
C GLU A 174 21.81 15.47 16.21
N GLU A 175 21.77 15.08 14.94
CA GLU A 175 22.99 15.17 14.10
C GLU A 175 23.35 16.63 13.80
N ALA A 176 22.34 17.44 13.52
CA ALA A 176 22.57 18.87 13.26
C ALA A 176 23.20 19.54 14.46
N LYS A 177 22.73 19.18 15.65
CA LYS A 177 23.26 19.74 16.87
C LYS A 177 24.74 19.35 17.00
N GLU A 178 25.04 18.08 16.75
CA GLU A 178 26.40 17.56 16.93
C GLU A 178 27.40 18.19 15.93
N LYS A 179 26.92 18.41 14.71
CA LYS A 179 27.74 18.90 13.59
C LYS A 179 27.67 20.41 13.42
N GLY A 180 26.81 21.09 14.17
CA GLY A 180 26.74 22.54 14.11
C GLY A 180 26.08 23.05 12.85
N VAL A 181 25.06 22.31 12.39
CA VAL A 181 24.31 22.64 11.19
C VAL A 181 23.03 23.33 11.60
N ASP A 182 22.74 24.44 10.93
CA ASP A 182 21.48 25.17 11.06
C ASP A 182 20.39 24.36 10.35
N LEU A 183 19.51 23.76 11.13
CA LEU A 183 18.42 22.94 10.61
C LEU A 183 17.09 23.55 10.95
N VAL A 184 16.21 23.64 9.95
CA VAL A 184 14.81 23.97 10.17
C VAL A 184 13.95 22.84 9.62
N VAL A 185 12.84 22.58 10.29
CA VAL A 185 12.00 21.47 9.91
C VAL A 185 10.59 21.95 9.55
N ILE A 186 10.06 21.40 8.48
CA ILE A 186 8.66 21.60 8.13
C ILE A 186 7.89 20.29 8.29
N ASN A 187 6.66 20.41 8.80
CA ASN A 187 5.82 19.25 9.10
C ASN A 187 4.51 19.38 8.35
N PRO A 188 4.50 18.99 7.07
CA PRO A 188 3.21 19.08 6.37
C PRO A 188 2.23 18.02 6.81
N VAL A 189 0.95 18.36 6.66
CA VAL A 189 -0.14 17.42 6.76
C VAL A 189 -0.36 16.79 5.38
N LEU A 190 -1.47 16.10 5.17
CA LEU A 190 -1.68 15.46 3.88
C LEU A 190 -1.68 16.48 2.75
N VAL A 191 -0.86 16.25 1.74
CA VAL A 191 -0.64 17.22 0.69
C VAL A 191 -1.38 16.83 -0.58
N GLN A 192 -2.15 17.76 -1.12
CA GLN A 192 -2.83 17.56 -2.39
C GLN A 192 -2.49 18.67 -3.37
N GLY A 193 -2.83 18.48 -4.64
CA GLY A 193 -2.63 19.50 -5.64
C GLY A 193 -2.23 18.82 -6.93
N PRO A 194 -1.94 19.62 -7.95
CA PRO A 194 -1.61 19.06 -9.26
C PRO A 194 -0.25 18.40 -9.24
N LEU A 195 -0.12 17.37 -10.06
CA LEU A 195 1.09 16.58 -10.13
C LEU A 195 1.92 17.01 -11.32
N LEU A 196 3.19 17.31 -11.10
CA LEU A 196 4.10 17.53 -12.22
C LEU A 196 4.68 16.21 -12.80
N GLN A 197 4.80 15.19 -11.96
CA GLN A 197 5.41 13.90 -12.30
C GLN A 197 4.38 12.95 -12.94
N THR A 198 4.82 11.84 -13.53
CA THR A 198 3.92 11.01 -14.34
C THR A 198 3.05 10.02 -13.57
N THR A 199 3.50 9.74 -12.38
CA THR A 199 2.90 8.70 -11.57
C THR A 199 2.21 9.30 -10.39
N VAL A 200 1.42 8.48 -9.72
CA VAL A 200 0.60 8.97 -8.65
C VAL A 200 1.27 8.54 -7.36
N ASN A 201 1.68 9.53 -6.57
CA ASN A 201 2.29 9.31 -5.27
C ASN A 201 1.28 8.99 -4.18
N ALA A 202 1.76 8.61 -3.01
CA ALA A 202 0.88 8.11 -1.95
C ALA A 202 -0.23 9.05 -1.52
N SER A 203 0.07 10.32 -1.28
CA SER A 203 -0.95 11.20 -0.74
C SER A 203 -2.09 11.38 -1.74
N VAL A 204 -1.75 11.41 -3.02
CA VAL A 204 -2.74 11.67 -4.06
C VAL A 204 -3.63 10.42 -4.27
N LEU A 205 -3.10 9.24 -4.00
CA LEU A 205 -3.94 8.04 -4.04
C LEU A 205 -5.15 8.15 -3.14
N HIS A 206 -5.03 8.90 -2.05
CA HIS A 206 -6.14 9.11 -1.12
C HIS A 206 -7.31 9.85 -1.75
N ILE A 207 -7.04 10.63 -2.79
CA ILE A 207 -8.11 11.26 -3.56
C ILE A 207 -8.52 10.43 -4.77
N LEU A 208 -7.56 9.87 -5.47
CA LEU A 208 -7.84 9.06 -6.63
C LEU A 208 -8.87 7.94 -6.34
N LYS A 209 -8.74 7.31 -5.17
CA LYS A 209 -9.62 6.18 -4.81
C LYS A 209 -11.09 6.59 -4.78
N TYR A 210 -11.35 7.84 -4.47
CA TYR A 210 -12.77 8.31 -4.50
C TYR A 210 -13.28 8.46 -5.92
N LEU A 211 -12.46 8.99 -6.81
CA LEU A 211 -12.84 9.25 -8.18
C LEU A 211 -12.93 7.97 -9.00
N THR A 212 -12.12 6.96 -8.67
CA THR A 212 -12.21 5.69 -9.37
C THR A 212 -13.32 4.84 -8.76
N GLY A 213 -13.76 5.21 -7.57
CA GLY A 213 -14.75 4.41 -6.89
C GLY A 213 -14.18 3.15 -6.23
N SER A 214 -12.86 3.00 -6.16
CA SER A 214 -12.32 1.87 -5.42
C SER A 214 -12.69 2.00 -3.94
N ALA A 215 -12.74 3.23 -3.44
CA ALA A 215 -13.34 3.49 -2.14
C ALA A 215 -14.87 3.44 -2.29
N LYS A 216 -15.47 2.61 -1.47
CA LYS A 216 -16.92 2.36 -1.50
C LYS A 216 -17.71 3.16 -0.47
N THR A 217 -17.03 3.56 0.60
CA THR A 217 -17.58 4.35 1.68
C THR A 217 -16.54 5.36 2.11
N TYR A 218 -16.92 6.28 2.99
CA TYR A 218 -15.95 7.19 3.61
C TYR A 218 -15.98 6.95 5.13
N ALA A 219 -14.81 6.95 5.74
CA ALA A 219 -14.70 6.66 7.15
C ALA A 219 -15.15 7.82 8.00
N ASN A 220 -15.50 7.51 9.23
CA ASN A 220 -15.81 8.55 10.20
C ASN A 220 -14.51 9.04 10.84
N SER A 221 -13.85 9.95 10.15
CA SER A 221 -12.57 10.46 10.59
C SER A 221 -12.31 11.82 9.96
N VAL A 222 -11.40 12.57 10.59
CA VAL A 222 -10.99 13.87 10.09
C VAL A 222 -9.49 13.86 9.89
N GLN A 223 -9.02 14.75 9.04
CA GLN A 223 -7.59 15.01 8.96
C GLN A 223 -7.34 16.31 8.23
N ALA A 224 -6.12 16.81 8.39
CA ALA A 224 -5.71 18.08 7.85
C ALA A 224 -5.18 17.94 6.43
N TYR A 225 -5.38 19.01 5.66
CA TYR A 225 -5.00 19.08 4.25
C TYR A 225 -4.21 20.36 4.00
N VAL A 226 -3.38 20.31 2.97
CA VAL A 226 -2.61 21.48 2.52
C VAL A 226 -2.27 21.31 1.06
N ASP A 227 -2.11 22.45 0.38
CA ASP A 227 -1.78 22.45 -1.05
C ASP A 227 -0.28 22.33 -1.28
N VAL A 228 0.07 21.49 -2.26
CA VAL A 228 1.46 21.25 -2.59
C VAL A 228 2.26 22.51 -2.94
N LYS A 229 1.63 23.48 -3.61
CA LYS A 229 2.35 24.70 -3.96
C LYS A 229 2.71 25.49 -2.70
N ASP A 230 1.79 25.48 -1.74
CA ASP A 230 2.02 26.16 -0.45
C ASP A 230 3.18 25.48 0.29
N VAL A 231 3.20 24.16 0.28
CA VAL A 231 4.25 23.38 0.94
C VAL A 231 5.58 23.72 0.32
N ALA A 232 5.63 23.78 -1.00
CA ALA A 232 6.88 24.13 -1.66
C ALA A 232 7.34 25.55 -1.29
N LEU A 233 6.42 26.52 -1.37
CA LEU A 233 6.72 27.89 -1.01
C LEU A 233 7.21 28.00 0.43
N ALA A 234 6.60 27.22 1.31
CA ALA A 234 6.94 27.22 2.72
C ALA A 234 8.37 26.71 2.94
N HIS A 235 8.78 25.69 2.18
CA HIS A 235 10.17 25.19 2.29
C HIS A 235 11.11 26.34 1.97
N ILE A 236 10.79 27.07 0.91
CA ILE A 236 11.65 28.16 0.47
C ILE A 236 11.69 29.29 1.47
N LEU A 237 10.52 29.60 2.02
CA LEU A 237 10.40 30.63 3.03
C LEU A 237 11.23 30.30 4.26
N LEU A 238 11.23 29.04 4.67
CA LEU A 238 12.02 28.61 5.82
C LEU A 238 13.52 28.68 5.55
N TYR A 239 13.91 28.38 4.31
CA TYR A 239 15.32 28.52 3.92
C TYR A 239 15.78 29.98 3.94
N GLU A 240 14.95 30.85 3.39
CA GLU A 240 15.33 32.23 3.12
C GLU A 240 15.23 33.19 4.31
N THR A 241 14.41 32.85 5.30
CA THR A 241 14.17 33.72 6.43
C THR A 241 15.21 33.45 7.49
N PRO A 242 16.15 34.39 7.71
CA PRO A 242 17.24 34.13 8.64
C PRO A 242 16.77 33.72 10.03
N GLU A 243 15.68 34.33 10.49
CA GLU A 243 15.20 34.10 11.84
C GLU A 243 14.42 32.78 12.01
N ALA A 244 14.18 32.06 10.92
CA ALA A 244 13.43 30.80 11.04
C ALA A 244 14.15 29.84 11.96
N SER A 245 13.37 29.17 12.81
CA SER A 245 13.94 28.34 13.86
C SER A 245 12.96 27.23 14.29
N GLY A 246 13.46 26.01 14.45
CA GLY A 246 12.60 24.93 14.93
C GLY A 246 11.75 24.25 13.86
N ARG A 247 10.55 23.82 14.26
CA ARG A 247 9.59 23.10 13.42
C ARG A 247 8.46 24.03 13.01
N TYR A 248 7.80 23.70 11.91
CA TYR A 248 6.72 24.51 11.38
C TYR A 248 5.61 23.60 10.88
N LEU A 249 4.43 23.69 11.48
CA LEU A 249 3.28 22.90 11.05
C LEU A 249 2.72 23.57 9.80
N CYS A 250 2.59 22.79 8.74
CA CYS A 250 2.14 23.30 7.45
C CYS A 250 0.81 22.67 7.08
N ALA A 251 -0.28 23.38 7.33
CA ALA A 251 -1.64 22.85 7.22
C ALA A 251 -2.59 24.00 6.94
N GLU A 252 -3.61 23.77 6.13
CA GLU A 252 -4.58 24.82 5.84
C GLU A 252 -5.88 24.64 6.63
N SER A 253 -6.45 23.45 6.59
CA SER A 253 -7.68 23.18 7.39
C SER A 253 -7.83 21.69 7.63
N VAL A 254 -8.74 21.36 8.54
CA VAL A 254 -9.07 19.97 8.83
C VAL A 254 -10.47 19.67 8.32
N LEU A 255 -10.61 18.58 7.58
CA LEU A 255 -11.91 18.19 7.05
C LEU A 255 -12.25 16.75 7.43
N HIS A 256 -13.54 16.53 7.62
CA HIS A 256 -14.06 15.19 7.76
C HIS A 256 -14.06 14.56 6.36
N ARG A 257 -13.85 13.25 6.28
CA ARG A 257 -13.88 12.57 4.99
C ARG A 257 -15.20 12.82 4.22
N GLY A 258 -16.28 12.88 4.96
CA GLY A 258 -17.58 13.24 4.45
C GLY A 258 -17.62 14.59 3.74
N ASP A 259 -16.85 15.53 4.27
CA ASP A 259 -16.73 16.85 3.66
C ASP A 259 -15.92 16.75 2.38
N VAL A 260 -14.90 15.90 2.43
CA VAL A 260 -14.04 15.71 1.26
C VAL A 260 -14.84 15.12 0.08
N VAL A 261 -15.62 14.06 0.34
CA VAL A 261 -16.36 13.44 -0.75
C VAL A 261 -17.48 14.36 -1.25
N GLU A 262 -18.02 15.18 -0.36
CA GLU A 262 -19.01 16.16 -0.77
C GLU A 262 -18.43 17.18 -1.73
N ILE A 263 -17.24 17.71 -1.42
CA ILE A 263 -16.55 18.65 -2.29
C ILE A 263 -16.31 18.01 -3.64
N LEU A 264 -15.78 16.79 -3.62
CA LEU A 264 -15.44 16.08 -4.85
C LEU A 264 -16.68 15.79 -5.69
N SER A 265 -17.74 15.33 -5.07
CA SER A 265 -18.93 14.94 -5.81
C SER A 265 -19.64 16.18 -6.43
N LYS A 266 -19.58 17.33 -5.76
CA LYS A 266 -20.14 18.56 -6.33
C LYS A 266 -19.35 18.99 -7.56
N PHE A 267 -18.03 18.87 -7.51
CA PHE A 267 -17.19 19.24 -8.64
C PHE A 267 -17.23 18.22 -9.78
N PHE A 268 -17.42 16.95 -9.44
CA PHE A 268 -17.24 15.83 -10.37
C PHE A 268 -18.40 14.85 -10.26
N PRO A 269 -19.60 15.32 -10.59
CA PRO A 269 -20.82 14.51 -10.40
C PRO A 269 -20.88 13.26 -11.26
N GLU A 270 -20.04 13.17 -12.29
CA GLU A 270 -20.05 12.02 -13.20
C GLU A 270 -19.33 10.82 -12.61
N TYR A 271 -18.58 11.02 -11.53
CA TYR A 271 -17.77 9.96 -10.99
C TYR A 271 -18.38 9.23 -9.78
N PRO A 272 -17.99 7.94 -9.61
CA PRO A 272 -18.56 7.05 -8.58
C PRO A 272 -17.98 7.32 -7.19
N ILE A 273 -17.99 8.59 -6.79
CA ILE A 273 -17.53 8.99 -5.46
C ILE A 273 -18.50 8.49 -4.37
N PRO A 274 -17.98 7.91 -3.29
CA PRO A 274 -18.91 7.34 -2.30
C PRO A 274 -19.69 8.40 -1.53
N THR A 275 -20.92 8.06 -1.20
CA THR A 275 -21.81 8.94 -0.45
C THR A 275 -22.12 8.42 0.95
N LYS A 276 -21.80 7.14 1.20
CA LYS A 276 -22.15 6.44 2.43
C LYS A 276 -20.97 6.41 3.38
N CYS A 277 -21.23 6.73 4.64
CA CYS A 277 -20.22 6.58 5.67
C CYS A 277 -20.08 5.11 6.06
N SER A 278 -18.83 4.67 6.23
CA SER A 278 -18.50 3.29 6.59
C SER A 278 -19.19 2.78 7.82
N ASP A 279 -19.32 3.65 8.81
CA ASP A 279 -19.77 3.27 10.13
C ASP A 279 -20.24 4.53 10.88
N VAL A 280 -21.54 4.64 11.14
CA VAL A 280 -22.05 5.82 11.83
C VAL A 280 -22.46 5.50 13.26
N THR A 281 -21.93 4.40 13.80
CA THR A 281 -22.23 4.02 15.16
C THR A 281 -21.84 5.08 16.17
N LYS A 282 -20.78 5.82 15.90
CA LYS A 282 -20.35 6.91 16.74
C LYS A 282 -20.69 8.25 16.11
N PRO A 283 -20.80 9.29 16.93
CA PRO A 283 -21.05 10.62 16.35
C PRO A 283 -19.98 11.03 15.38
N ARG A 284 -20.38 11.84 14.41
CA ARG A 284 -19.44 12.32 13.40
C ARG A 284 -18.26 13.05 14.05
N VAL A 285 -17.04 12.64 13.72
CA VAL A 285 -15.84 13.22 14.36
C VAL A 285 -15.71 14.69 13.96
N LYS A 286 -15.42 15.52 14.94
CA LYS A 286 -15.24 16.94 14.71
C LYS A 286 -13.78 17.24 14.39
N PRO A 287 -13.56 18.26 13.55
CA PRO A 287 -12.18 18.65 13.25
C PRO A 287 -11.43 18.99 14.52
N TYR A 288 -10.17 18.58 14.60
CA TYR A 288 -9.36 18.96 15.74
C TYR A 288 -8.80 20.36 15.54
N LYS A 289 -8.37 20.99 16.63
CA LYS A 289 -7.82 22.33 16.61
C LYS A 289 -6.32 22.28 16.37
N PHE A 290 -5.84 23.15 15.49
CA PHE A 290 -4.41 23.23 15.23
C PHE A 290 -3.97 24.68 15.08
N SER A 291 -2.66 24.88 15.11
CA SER A 291 -2.09 26.19 14.86
C SER A 291 -1.06 26.15 13.72
N ASN A 292 -1.31 26.95 12.69
CA ASN A 292 -0.32 27.22 11.64
C ASN A 292 0.18 28.65 11.72
N GLN A 293 0.13 29.22 12.91
CA GLN A 293 0.47 30.61 13.15
C GLN A 293 1.96 30.88 12.90
N LYS A 294 2.82 29.92 13.20
CA LYS A 294 4.26 30.13 12.97
C LYS A 294 4.53 30.47 11.51
N LEU A 295 3.94 29.70 10.58
CA LEU A 295 4.15 29.97 9.16
C LEU A 295 3.42 31.21 8.70
N LYS A 296 2.21 31.44 9.19
CA LYS A 296 1.48 32.66 8.87
C LYS A 296 2.29 33.88 9.30
N ASP A 297 2.92 33.80 10.46
CA ASP A 297 3.73 34.92 10.98
C ASP A 297 4.93 35.24 10.09
N LEU A 298 5.36 34.28 9.28
CA LEU A 298 6.43 34.50 8.31
C LEU A 298 5.89 34.98 6.96
N GLY A 299 4.58 35.12 6.86
CA GLY A 299 3.94 35.70 5.70
C GLY A 299 3.28 34.72 4.75
N LEU A 300 3.38 33.42 5.04
CA LEU A 300 2.76 32.41 4.17
C LEU A 300 1.23 32.52 4.18
N GLU A 301 0.63 32.49 2.99
CA GLU A 301 -0.82 32.46 2.85
C GLU A 301 -1.19 31.10 2.29
N PHE A 302 -2.22 30.48 2.86
CA PHE A 302 -2.63 29.13 2.50
C PHE A 302 -3.79 29.11 1.51
N THR A 303 -3.62 28.36 0.42
CA THR A 303 -4.66 28.13 -0.57
C THR A 303 -5.79 27.28 0.02
N PRO A 304 -7.04 27.74 -0.13
CA PRO A 304 -8.10 26.91 0.46
C PRO A 304 -8.16 25.50 -0.10
N VAL A 305 -8.43 24.51 0.76
CA VAL A 305 -8.44 23.10 0.36
C VAL A 305 -9.34 22.76 -0.84
N LYS A 306 -10.48 23.44 -0.99
CA LYS A 306 -11.39 23.11 -2.08
C LYS A 306 -10.72 23.25 -3.44
N GLN A 307 -9.97 24.35 -3.61
CA GLN A 307 -9.29 24.66 -4.88
C GLN A 307 -8.25 23.60 -5.14
N CYS A 308 -7.56 23.27 -4.07
CA CYS A 308 -6.53 22.30 -4.10
C CYS A 308 -7.06 20.88 -4.52
N LEU A 309 -8.18 20.49 -3.97
CA LEU A 309 -8.78 19.20 -4.33
C LEU A 309 -9.22 19.18 -5.78
N TYR A 310 -9.80 20.28 -6.23
CA TYR A 310 -10.23 20.42 -7.61
C TYR A 310 -9.04 20.22 -8.54
N GLU A 311 -7.94 20.93 -8.26
CA GLU A 311 -6.77 20.87 -9.14
C GLU A 311 -6.14 19.49 -9.16
N THR A 312 -6.20 18.77 -8.04
CA THR A 312 -5.70 17.39 -7.98
C THR A 312 -6.44 16.50 -8.99
N VAL A 313 -7.77 16.57 -8.96
CA VAL A 313 -8.55 15.78 -9.91
C VAL A 313 -8.32 16.20 -11.37
N LYS A 314 -8.27 17.51 -11.65
CA LYS A 314 -8.00 17.95 -13.02
C LYS A 314 -6.64 17.41 -13.50
N SER A 315 -5.66 17.40 -12.60
CA SER A 315 -4.35 16.88 -12.92
C SER A 315 -4.40 15.38 -13.23
N LEU A 316 -5.10 14.63 -12.38
CA LEU A 316 -5.28 13.19 -12.60
C LEU A 316 -5.96 12.93 -13.93
N GLN A 317 -6.96 13.74 -14.27
CA GLN A 317 -7.60 13.61 -15.57
C GLN A 317 -6.64 13.88 -16.72
N GLU A 318 -5.88 14.98 -16.64
CA GLU A 318 -4.92 15.33 -17.69
C GLU A 318 -3.95 14.20 -17.97
N LYS A 319 -3.55 13.55 -16.89
CA LYS A 319 -2.46 12.59 -16.97
C LYS A 319 -2.93 11.16 -17.24
N GLY A 320 -4.22 11.01 -17.54
CA GLY A 320 -4.74 9.75 -18.05
C GLY A 320 -5.34 8.84 -16.98
N HIS A 321 -5.28 9.25 -15.72
CA HIS A 321 -5.71 8.40 -14.61
C HIS A 321 -7.25 8.35 -14.39
N LEU A 322 -8.03 9.20 -15.04
CA LEU A 322 -9.50 9.29 -14.79
C LEU A 322 -10.39 9.57 -16.00
N PRO A 323 -10.48 8.62 -16.92
CA PRO A 323 -11.41 8.82 -18.03
C PRO A 323 -12.85 9.02 -17.51
N ILE A 324 -13.64 9.81 -18.20
CA ILE A 324 -15.04 10.01 -17.77
C ILE A 324 -15.82 8.71 -17.94
N PRO A 325 -16.50 8.25 -16.87
CA PRO A 325 -17.24 6.97 -16.93
C PRO A 325 -18.35 7.01 -17.96
N THR A 326 -18.69 5.85 -18.51
CA THR A 326 -19.78 5.72 -19.48
C THR A 326 -21.04 5.14 -18.84
N VAL B 8 -14.61 -31.85 -15.24
CA VAL B 8 -15.72 -32.79 -15.26
C VAL B 8 -16.78 -32.30 -16.25
N SER B 9 -16.94 -32.99 -17.37
CA SER B 9 -17.55 -32.38 -18.55
C SER B 9 -19.07 -32.23 -18.50
N GLY B 10 -19.51 -31.03 -18.91
CA GLY B 10 -20.89 -30.62 -18.76
C GLY B 10 -21.09 -29.87 -17.47
N GLN B 11 -20.14 -29.98 -16.55
CA GLN B 11 -20.24 -29.32 -15.25
C GLN B 11 -19.71 -27.88 -15.31
N VAL B 12 -20.50 -26.97 -14.73
CA VAL B 12 -20.27 -25.53 -14.84
C VAL B 12 -20.02 -24.89 -13.49
N VAL B 13 -18.93 -24.13 -13.40
CA VAL B 13 -18.62 -23.44 -12.17
C VAL B 13 -18.29 -21.98 -12.45
N CYS B 14 -18.63 -21.13 -11.48
CA CYS B 14 -18.30 -19.74 -11.54
C CYS B 14 -17.06 -19.53 -10.69
N VAL B 15 -16.14 -18.72 -11.19
CA VAL B 15 -15.03 -18.21 -10.38
C VAL B 15 -15.15 -16.68 -10.33
N THR B 16 -15.36 -16.12 -9.16
CA THR B 16 -15.42 -14.66 -9.06
C THR B 16 -14.01 -14.05 -9.05
N GLY B 17 -13.85 -12.94 -9.76
CA GLY B 17 -12.54 -12.29 -9.83
C GLY B 17 -11.51 -13.15 -10.55
N ALA B 18 -11.91 -13.66 -11.71
CA ALA B 18 -11.18 -14.72 -12.41
C ALA B 18 -9.77 -14.32 -12.87
N GLY B 19 -9.53 -13.02 -13.02
CA GLY B 19 -8.26 -12.54 -13.56
C GLY B 19 -7.20 -12.30 -12.51
N GLY B 20 -7.53 -12.50 -11.24
CA GLY B 20 -6.54 -12.29 -10.19
C GLY B 20 -5.48 -13.38 -10.10
N PHE B 21 -4.57 -13.22 -9.14
CA PHE B 21 -3.42 -14.11 -9.00
C PHE B 21 -3.84 -15.57 -8.77
N ILE B 22 -4.49 -15.82 -7.64
CA ILE B 22 -4.95 -17.15 -7.31
C ILE B 22 -6.03 -17.64 -8.28
N ALA B 23 -7.00 -16.79 -8.59
CA ALA B 23 -8.13 -17.19 -9.43
C ALA B 23 -7.69 -17.57 -10.84
N SER B 24 -6.68 -16.89 -11.38
CA SER B 24 -6.19 -17.26 -12.70
C SER B 24 -5.69 -18.71 -12.73
N TRP B 25 -4.99 -19.13 -11.67
CA TRP B 25 -4.49 -20.52 -11.58
C TRP B 25 -5.64 -21.50 -11.40
N LEU B 26 -6.63 -21.08 -10.62
CA LEU B 26 -7.81 -21.88 -10.40
C LEU B 26 -8.55 -22.10 -11.71
N VAL B 27 -8.70 -21.04 -12.49
CA VAL B 27 -9.34 -21.16 -13.79
C VAL B 27 -8.55 -22.07 -14.70
N LYS B 28 -7.25 -21.82 -14.77
CA LYS B 28 -6.40 -22.63 -15.62
C LYS B 28 -6.56 -24.10 -15.32
N ILE B 29 -6.56 -24.46 -14.04
CA ILE B 29 -6.60 -25.87 -13.67
C ILE B 29 -8.02 -26.45 -13.82
N LEU B 30 -9.05 -25.65 -13.54
CA LEU B 30 -10.43 -26.09 -13.78
C LEU B 30 -10.63 -26.48 -15.25
N LEU B 31 -10.15 -25.63 -16.14
CA LEU B 31 -10.22 -25.91 -17.57
C LEU B 31 -9.41 -27.17 -17.96
N GLU B 32 -8.22 -27.35 -17.37
CA GLU B 32 -7.48 -28.59 -17.62
C GLU B 32 -8.32 -29.81 -17.23
N LYS B 33 -9.08 -29.69 -16.14
CA LYS B 33 -9.84 -30.82 -15.61
C LYS B 33 -11.16 -31.05 -16.38
N GLY B 34 -11.44 -30.19 -17.36
CA GLY B 34 -12.62 -30.38 -18.20
C GLY B 34 -13.86 -29.60 -17.81
N TYR B 35 -13.75 -28.73 -16.80
CA TYR B 35 -14.88 -27.91 -16.40
C TYR B 35 -15.24 -26.87 -17.43
N THR B 36 -16.51 -26.47 -17.41
CA THR B 36 -16.95 -25.26 -18.08
C THR B 36 -16.89 -24.17 -17.03
N VAL B 37 -16.30 -23.03 -17.36
CA VAL B 37 -16.06 -22.00 -16.38
C VAL B 37 -16.70 -20.67 -16.76
N ARG B 38 -17.38 -20.07 -15.79
CA ARG B 38 -17.90 -18.71 -15.91
C ARG B 38 -17.09 -17.80 -14.96
N GLY B 39 -16.14 -17.09 -15.52
CA GLY B 39 -15.24 -16.27 -14.71
C GLY B 39 -15.71 -14.82 -14.68
N THR B 40 -15.86 -14.23 -13.50
CA THR B 40 -16.32 -12.87 -13.46
C THR B 40 -15.14 -11.92 -13.41
N VAL B 41 -15.24 -10.87 -14.21
CA VAL B 41 -14.29 -9.76 -14.19
C VAL B 41 -15.06 -8.45 -14.34
N ARG B 42 -14.48 -7.33 -13.89
CA ARG B 42 -15.21 -6.08 -13.95
C ARG B 42 -15.36 -5.55 -15.37
N ASN B 43 -14.40 -5.83 -16.23
CA ASN B 43 -14.49 -5.49 -17.64
C ASN B 43 -13.85 -6.56 -18.51
N PRO B 44 -14.65 -7.46 -19.09
CA PRO B 44 -14.07 -8.51 -19.94
C PRO B 44 -13.16 -8.00 -21.07
N ASP B 45 -13.38 -6.78 -21.56
CA ASP B 45 -12.54 -6.23 -22.63
C ASP B 45 -11.20 -5.68 -22.16
N ASP B 46 -11.03 -5.48 -20.85
CA ASP B 46 -9.78 -4.96 -20.30
C ASP B 46 -8.61 -5.89 -20.63
N PRO B 47 -7.52 -5.34 -21.20
CA PRO B 47 -6.37 -6.15 -21.56
C PRO B 47 -5.78 -6.90 -20.39
N LYS B 48 -6.03 -6.42 -19.18
CA LYS B 48 -5.45 -7.08 -18.04
C LYS B 48 -6.01 -8.48 -17.85
N ASN B 49 -7.11 -8.80 -18.55
CA ASN B 49 -7.69 -10.14 -18.50
C ASN B 49 -7.32 -11.03 -19.67
N GLY B 50 -6.50 -10.52 -20.59
CA GLY B 50 -6.10 -11.25 -21.77
C GLY B 50 -5.53 -12.62 -21.49
N HIS B 51 -4.76 -12.75 -20.41
CA HIS B 51 -4.13 -14.02 -20.11
C HIS B 51 -5.17 -15.14 -19.95
N LEU B 52 -6.37 -14.78 -19.53
CA LEU B 52 -7.42 -15.79 -19.32
C LEU B 52 -7.89 -16.39 -20.65
N ARG B 53 -7.96 -15.53 -21.67
CA ARG B 53 -8.44 -15.94 -22.97
C ARG B 53 -7.49 -16.93 -23.64
N GLU B 54 -6.21 -16.90 -23.27
CA GLU B 54 -5.22 -17.73 -23.89
C GLU B 54 -5.03 -19.03 -23.14
N LEU B 55 -5.77 -19.23 -22.05
CA LEU B 55 -5.63 -20.46 -21.30
C LEU B 55 -6.11 -21.64 -22.13
N GLU B 56 -5.44 -22.76 -21.97
CA GLU B 56 -5.76 -23.97 -22.69
C GLU B 56 -7.18 -24.30 -22.32
N GLY B 57 -8.04 -24.39 -23.33
CA GLY B 57 -9.42 -24.75 -23.13
C GLY B 57 -10.35 -23.56 -22.95
N ALA B 58 -9.81 -22.35 -22.80
CA ALA B 58 -10.65 -21.17 -22.57
C ALA B 58 -11.54 -20.86 -23.78
N LYS B 59 -11.02 -20.98 -25.00
CA LYS B 59 -11.85 -20.67 -26.15
C LYS B 59 -13.13 -21.51 -26.16
N GLU B 60 -13.01 -22.75 -25.71
CA GLU B 60 -14.14 -23.68 -25.71
C GLU B 60 -15.05 -23.55 -24.49
N ARG B 61 -14.48 -23.22 -23.34
CA ARG B 61 -15.17 -23.47 -22.07
C ARG B 61 -15.12 -22.32 -21.05
N LEU B 62 -14.41 -21.24 -21.36
CA LEU B 62 -14.40 -20.11 -20.45
C LEU B 62 -15.23 -18.98 -20.98
N THR B 63 -16.19 -18.55 -20.18
CA THR B 63 -16.93 -17.32 -20.45
C THR B 63 -16.55 -16.23 -19.42
N LEU B 64 -16.21 -15.05 -19.91
CA LEU B 64 -15.93 -13.95 -19.01
C LEU B 64 -17.18 -13.12 -18.84
N CYS B 65 -17.71 -13.13 -17.62
CA CYS B 65 -18.95 -12.43 -17.31
C CYS B 65 -18.59 -11.11 -16.65
N LYS B 66 -19.13 -10.03 -17.20
CA LYS B 66 -18.98 -8.72 -16.58
C LYS B 66 -19.79 -8.59 -15.30
N ALA B 67 -19.09 -8.35 -14.21
CA ALA B 67 -19.71 -8.34 -12.90
C ALA B 67 -18.90 -7.59 -11.88
N ASP B 68 -19.59 -7.03 -10.91
CA ASP B 68 -18.94 -6.46 -9.74
C ASP B 68 -19.56 -7.09 -8.52
N LEU B 69 -18.77 -7.31 -7.48
CA LEU B 69 -19.28 -7.83 -6.20
C LEU B 69 -20.43 -7.03 -5.59
N LEU B 70 -20.48 -5.72 -5.86
CA LEU B 70 -21.56 -4.88 -5.31
C LEU B 70 -22.69 -4.64 -6.33
N ASP B 71 -22.72 -5.42 -7.42
CA ASP B 71 -23.81 -5.37 -8.41
C ASP B 71 -24.45 -6.76 -8.41
N TYR B 72 -25.48 -6.91 -7.59
CA TYR B 72 -26.09 -8.20 -7.34
C TYR B 72 -26.63 -8.80 -8.63
N GLN B 73 -27.28 -7.98 -9.45
CA GLN B 73 -27.84 -8.50 -10.71
C GLN B 73 -26.74 -9.07 -11.61
N SER B 74 -25.58 -8.41 -11.66
CA SER B 74 -24.46 -8.96 -12.44
C SER B 74 -24.00 -10.36 -11.92
N LEU B 75 -24.09 -10.57 -10.61
CA LEU B 75 -23.73 -11.86 -10.05
C LEU B 75 -24.78 -12.94 -10.37
N ARG B 76 -26.07 -12.56 -10.34
CA ARG B 76 -27.14 -13.48 -10.76
C ARG B 76 -26.89 -13.96 -12.18
N GLU B 77 -26.54 -13.02 -13.06
CA GLU B 77 -26.31 -13.36 -14.45
C GLU B 77 -25.11 -14.30 -14.59
N ALA B 78 -24.04 -14.07 -13.83
CA ALA B 78 -22.88 -14.95 -13.87
C ALA B 78 -23.12 -16.34 -13.32
N ILE B 79 -23.82 -16.40 -12.19
CA ILE B 79 -23.97 -17.63 -11.43
C ILE B 79 -25.07 -18.52 -12.02
N ASN B 80 -25.97 -17.91 -12.78
CA ASN B 80 -27.04 -18.64 -13.46
C ASN B 80 -26.51 -19.85 -14.22
N GLY B 81 -26.95 -21.04 -13.82
CA GLY B 81 -26.62 -22.27 -14.50
C GLY B 81 -25.34 -22.92 -14.01
N CYS B 82 -24.83 -22.47 -12.87
CA CYS B 82 -23.61 -23.06 -12.30
C CYS B 82 -23.91 -24.13 -11.25
N ASP B 83 -23.12 -25.20 -11.27
CA ASP B 83 -23.17 -26.24 -10.26
C ASP B 83 -22.38 -25.84 -9.01
N GLY B 84 -21.37 -25.02 -9.20
CA GLY B 84 -20.47 -24.62 -8.12
C GLY B 84 -20.00 -23.20 -8.31
N VAL B 85 -19.66 -22.56 -7.20
CA VAL B 85 -19.10 -21.21 -7.22
C VAL B 85 -17.84 -21.19 -6.36
N PHE B 86 -16.76 -20.70 -6.93
CA PHE B 86 -15.53 -20.44 -6.17
C PHE B 86 -15.48 -18.97 -5.98
N HIS B 87 -15.85 -18.52 -4.78
CA HIS B 87 -15.90 -17.12 -4.52
C HIS B 87 -14.52 -16.66 -4.00
N THR B 88 -13.69 -16.16 -4.91
CA THR B 88 -12.29 -15.75 -4.61
C THR B 88 -12.06 -14.23 -4.67
N ALA B 89 -13.00 -13.48 -5.28
CA ALA B 89 -12.77 -12.05 -5.54
C ALA B 89 -12.85 -11.28 -4.25
N SER B 90 -11.90 -10.38 -4.07
CA SER B 90 -11.86 -9.48 -2.91
C SER B 90 -10.85 -8.40 -3.16
N PRO B 91 -11.12 -7.20 -2.63
CA PRO B 91 -10.00 -6.28 -2.46
C PRO B 91 -8.95 -6.89 -1.56
N VAL B 92 -7.70 -6.48 -1.76
CA VAL B 92 -6.58 -6.92 -0.93
C VAL B 92 -5.83 -5.67 -0.48
N THR B 93 -6.30 -5.11 0.64
CA THR B 93 -5.88 -3.80 1.07
C THR B 93 -6.23 -3.57 2.52
N ASP B 94 -5.37 -2.85 3.22
CA ASP B 94 -5.67 -2.36 4.57
C ASP B 94 -6.45 -1.05 4.63
N ASP B 95 -6.90 -0.51 3.49
CA ASP B 95 -7.72 0.69 3.49
C ASP B 95 -9.15 0.21 3.70
N PRO B 96 -9.72 0.45 4.91
CA PRO B 96 -11.07 -0.10 5.15
C PRO B 96 -12.15 0.46 4.20
N GLU B 97 -11.98 1.67 3.68
CA GLU B 97 -12.92 2.25 2.72
C GLU B 97 -12.99 1.42 1.43
N GLN B 98 -11.88 0.76 1.10
CA GLN B 98 -11.79 -0.07 -0.10
C GLN B 98 -12.12 -1.53 0.21
N MET B 99 -11.74 -1.98 1.39
CA MET B 99 -11.80 -3.41 1.70
C MET B 99 -13.20 -3.92 2.10
N VAL B 100 -13.87 -3.18 2.97
CA VAL B 100 -14.89 -3.80 3.78
C VAL B 100 -16.17 -4.11 3.03
N GLU B 101 -16.73 -3.16 2.29
CA GLU B 101 -18.04 -3.46 1.66
C GLU B 101 -17.94 -4.55 0.61
N PRO B 102 -16.93 -4.50 -0.28
CA PRO B 102 -16.88 -5.57 -1.29
C PRO B 102 -16.59 -6.92 -0.69
N ALA B 103 -15.81 -6.96 0.40
CA ALA B 103 -15.55 -8.23 1.07
C ALA B 103 -16.84 -8.73 1.70
N VAL B 104 -17.50 -7.89 2.49
CA VAL B 104 -18.62 -8.35 3.31
C VAL B 104 -19.94 -8.43 2.51
N ILE B 105 -20.37 -7.33 1.88
CA ILE B 105 -21.60 -7.32 1.10
C ILE B 105 -21.41 -8.15 -0.16
N GLY B 106 -20.23 -8.05 -0.77
CA GLY B 106 -19.93 -8.88 -1.92
C GLY B 106 -20.10 -10.37 -1.65
N THR B 107 -19.61 -10.81 -0.50
CA THR B 107 -19.71 -12.20 -0.12
C THR B 107 -21.15 -12.60 0.16
N LYS B 108 -21.88 -11.76 0.88
CA LYS B 108 -23.30 -12.03 1.08
C LYS B 108 -24.01 -12.13 -0.26
N ASN B 109 -23.73 -11.20 -1.17
CA ASN B 109 -24.32 -11.21 -2.50
C ASN B 109 -24.05 -12.52 -3.23
N VAL B 110 -22.78 -12.94 -3.26
CA VAL B 110 -22.45 -14.20 -3.92
C VAL B 110 -23.21 -15.38 -3.32
N ILE B 111 -23.29 -15.46 -2.00
CA ILE B 111 -23.96 -16.61 -1.36
C ILE B 111 -25.46 -16.59 -1.68
N ASN B 112 -26.06 -15.42 -1.64
CA ASN B 112 -27.46 -15.29 -1.97
C ASN B 112 -27.75 -15.63 -3.43
N ALA B 113 -26.88 -15.20 -4.34
CA ALA B 113 -27.07 -15.56 -5.75
C ALA B 113 -26.96 -17.07 -5.93
N ALA B 114 -26.00 -17.67 -5.23
CA ALA B 114 -25.77 -19.10 -5.33
C ALA B 114 -26.96 -19.86 -4.78
N ALA B 115 -27.54 -19.37 -3.70
CA ALA B 115 -28.69 -20.02 -3.09
C ALA B 115 -29.85 -20.03 -4.06
N GLU B 116 -30.07 -18.88 -4.71
CA GLU B 116 -31.23 -18.73 -5.60
C GLU B 116 -31.10 -19.69 -6.77
N ALA B 117 -29.86 -19.85 -7.22
CA ALA B 117 -29.58 -20.69 -8.38
C ALA B 117 -29.45 -22.17 -8.03
N ASN B 118 -29.58 -22.51 -6.73
CA ASN B 118 -29.47 -23.89 -6.26
C ASN B 118 -28.11 -24.50 -6.60
N VAL B 119 -27.07 -23.67 -6.49
CA VAL B 119 -25.70 -24.15 -6.60
C VAL B 119 -25.47 -25.27 -5.57
N ARG B 120 -24.75 -26.31 -5.98
CA ARG B 120 -24.42 -27.46 -5.12
C ARG B 120 -23.48 -27.10 -3.94
N ARG B 121 -22.44 -26.33 -4.22
CA ARG B 121 -21.48 -25.92 -3.21
C ARG B 121 -20.80 -24.60 -3.60
N VAL B 122 -20.58 -23.77 -2.58
CA VAL B 122 -19.74 -22.59 -2.70
C VAL B 122 -18.46 -22.89 -1.92
N VAL B 123 -17.34 -22.59 -2.55
CA VAL B 123 -16.04 -22.60 -1.86
C VAL B 123 -15.55 -21.16 -1.79
N PHE B 124 -15.36 -20.67 -0.57
CA PHE B 124 -15.02 -19.29 -0.30
C PHE B 124 -13.55 -19.18 0.11
N THR B 125 -12.83 -18.26 -0.54
CA THR B 125 -11.44 -18.00 -0.16
C THR B 125 -11.38 -17.01 0.99
N SER B 126 -11.07 -17.51 2.19
CA SER B 126 -10.85 -16.66 3.35
C SER B 126 -9.33 -16.42 3.43
N SER B 127 -8.79 -16.39 4.64
CA SER B 127 -7.37 -16.09 4.83
C SER B 127 -6.92 -16.53 6.19
N ILE B 128 -5.61 -16.76 6.33
CA ILE B 128 -5.03 -16.94 7.66
C ILE B 128 -5.27 -15.68 8.50
N GLY B 129 -5.54 -14.56 7.85
CA GLY B 129 -5.82 -13.32 8.54
C GLY B 129 -7.09 -13.39 9.37
N ALA B 130 -7.99 -14.30 9.01
CA ALA B 130 -9.20 -14.57 9.77
C ALA B 130 -9.03 -15.58 10.91
N VAL B 131 -7.81 -16.13 11.00
CA VAL B 131 -7.48 -17.20 11.95
C VAL B 131 -6.49 -16.76 13.04
N TYR B 132 -5.39 -16.12 12.63
CA TYR B 132 -4.16 -16.01 13.44
C TYR B 132 -4.12 -14.76 14.35
N MET B 133 -4.90 -13.73 14.02
CA MET B 133 -4.67 -12.41 14.59
C MET B 133 -5.36 -12.25 15.94
N ASP B 134 -4.91 -13.02 16.91
CA ASP B 134 -5.48 -13.02 18.26
C ASP B 134 -4.37 -12.84 19.29
N PRO B 135 -4.33 -11.67 19.95
CA PRO B 135 -3.32 -11.30 20.95
C PRO B 135 -3.36 -12.21 22.18
N ASN B 136 -4.54 -12.77 22.44
CA ASN B 136 -4.75 -13.58 23.64
C ASN B 136 -4.33 -15.03 23.48
N ARG B 137 -4.07 -15.48 22.25
CA ARG B 137 -3.75 -16.88 22.04
C ARG B 137 -2.34 -17.16 22.55
N ASP B 138 -2.18 -18.28 23.27
CA ASP B 138 -0.86 -18.71 23.75
C ASP B 138 0.03 -18.98 22.54
N PRO B 139 1.23 -18.40 22.52
CA PRO B 139 2.11 -18.56 21.37
C PRO B 139 2.47 -20.03 21.08
N GLU B 140 2.32 -20.86 22.11
CA GLU B 140 2.60 -22.29 21.99
C GLU B 140 1.43 -23.06 21.40
N THR B 141 0.23 -22.48 21.45
CA THR B 141 -0.99 -23.14 20.96
C THR B 141 -0.89 -23.40 19.46
N VAL B 142 -1.27 -24.58 19.00
CA VAL B 142 -1.23 -24.85 17.57
C VAL B 142 -2.29 -24.04 16.85
N VAL B 143 -1.89 -23.34 15.79
CA VAL B 143 -2.81 -22.55 14.98
C VAL B 143 -3.57 -23.50 14.06
N ASP B 144 -4.90 -23.53 14.18
CA ASP B 144 -5.69 -24.44 13.35
C ASP B 144 -7.07 -23.84 13.09
N GLU B 145 -7.97 -24.63 12.49
CA GLU B 145 -9.23 -24.10 12.01
C GLU B 145 -10.16 -23.66 13.13
N THR B 146 -9.85 -24.04 14.37
CA THR B 146 -10.64 -23.59 15.50
C THR B 146 -10.31 -22.15 15.92
N CYS B 147 -9.17 -21.64 15.45
CA CYS B 147 -8.72 -20.31 15.84
C CYS B 147 -9.35 -19.24 14.96
N TRP B 148 -9.89 -18.21 15.61
CA TRP B 148 -10.36 -17.02 14.91
C TRP B 148 -9.62 -15.77 15.37
N SER B 149 -9.46 -14.80 14.47
CA SER B 149 -8.87 -13.53 14.85
C SER B 149 -9.77 -12.71 15.77
N ASP B 150 -9.16 -11.74 16.45
CA ASP B 150 -9.84 -10.78 17.32
C ASP B 150 -10.11 -9.50 16.51
N PRO B 151 -11.38 -9.19 16.25
CA PRO B 151 -11.67 -8.05 15.36
C PRO B 151 -11.20 -6.72 15.94
N ASP B 152 -11.37 -6.53 17.24
CA ASP B 152 -10.95 -5.28 17.87
C ASP B 152 -9.46 -5.09 17.75
N PHE B 153 -8.73 -6.19 17.86
CA PHE B 153 -7.29 -6.16 17.67
C PHE B 153 -6.92 -5.77 16.24
N CYS B 154 -7.58 -6.40 15.26
CA CYS B 154 -7.34 -6.07 13.85
C CYS B 154 -7.60 -4.59 13.59
N LYS B 155 -8.78 -4.12 14.01
CA LYS B 155 -9.14 -2.71 13.89
C LYS B 155 -8.11 -1.82 14.57
N ASN B 156 -7.91 -2.06 15.87
CA ASN B 156 -6.99 -1.27 16.69
C ASN B 156 -5.58 -1.22 16.13
N THR B 157 -5.17 -2.26 15.40
CA THR B 157 -3.83 -2.28 14.81
C THR B 157 -3.86 -2.02 13.30
N LYS B 158 -5.03 -1.61 12.81
CA LYS B 158 -5.21 -1.20 11.41
C LYS B 158 -4.89 -2.31 10.42
N ASN B 159 -5.15 -3.53 10.88
CA ASN B 159 -5.11 -4.71 10.04
C ASN B 159 -6.49 -4.92 9.44
N TRP B 160 -6.89 -3.94 8.64
CA TRP B 160 -8.25 -3.91 8.10
C TRP B 160 -8.46 -4.97 7.03
N TYR B 161 -7.39 -5.39 6.37
CA TYR B 161 -7.49 -6.54 5.47
C TYR B 161 -7.89 -7.79 6.24
N CYS B 162 -7.22 -8.06 7.37
CA CYS B 162 -7.57 -9.24 8.16
C CYS B 162 -8.99 -9.10 8.70
N TYR B 163 -9.34 -7.89 9.16
CA TYR B 163 -10.69 -7.63 9.67
C TYR B 163 -11.72 -7.95 8.59
N GLY B 164 -11.47 -7.43 7.39
CA GLY B 164 -12.35 -7.62 6.26
C GLY B 164 -12.52 -9.08 5.91
N LYS B 165 -11.43 -9.83 5.90
CA LYS B 165 -11.52 -11.24 5.55
C LYS B 165 -12.32 -11.99 6.63
N MET B 166 -12.10 -11.64 7.89
CA MET B 166 -12.78 -12.33 8.98
C MET B 166 -14.29 -12.06 8.96
N VAL B 167 -14.68 -10.80 8.84
CA VAL B 167 -16.11 -10.47 8.85
C VAL B 167 -16.79 -10.97 7.58
N ALA B 168 -16.08 -11.00 6.47
CA ALA B 168 -16.60 -11.62 5.25
C ALA B 168 -16.81 -13.12 5.45
N GLU B 169 -15.87 -13.81 6.09
CA GLU B 169 -16.04 -15.23 6.31
C GLU B 169 -17.21 -15.47 7.26
N GLN B 170 -17.32 -14.61 8.27
CA GLN B 170 -18.41 -14.74 9.24
C GLN B 170 -19.74 -14.56 8.52
N ALA B 171 -19.82 -13.56 7.67
CA ALA B 171 -21.03 -13.30 6.88
C ALA B 171 -21.36 -14.48 5.97
N ALA B 172 -20.33 -15.10 5.39
CA ALA B 172 -20.53 -16.24 4.51
C ALA B 172 -21.17 -17.38 5.28
N TRP B 173 -20.65 -17.72 6.46
CA TRP B 173 -21.24 -18.80 7.22
C TRP B 173 -22.68 -18.50 7.62
N GLU B 174 -22.91 -17.25 8.03
CA GLU B 174 -24.23 -16.82 8.46
C GLU B 174 -25.22 -16.88 7.33
N GLU B 175 -24.85 -16.30 6.19
CA GLU B 175 -25.76 -16.26 5.04
C GLU B 175 -26.01 -17.67 4.51
N ALA B 176 -24.95 -18.49 4.47
CA ALA B 176 -25.08 -19.84 3.97
C ALA B 176 -26.00 -20.66 4.88
N LYS B 177 -25.87 -20.48 6.19
CA LYS B 177 -26.75 -21.18 7.14
C LYS B 177 -28.21 -20.79 6.89
N GLU B 178 -28.43 -19.49 6.74
CA GLU B 178 -29.79 -18.97 6.61
C GLU B 178 -30.44 -19.39 5.31
N LYS B 179 -29.66 -19.50 4.24
CA LYS B 179 -30.18 -19.80 2.91
C LYS B 179 -30.02 -21.26 2.50
N GLY B 180 -29.43 -22.07 3.37
CA GLY B 180 -29.29 -23.49 3.12
C GLY B 180 -28.27 -23.85 2.05
N VAL B 181 -27.19 -23.09 1.98
CA VAL B 181 -26.11 -23.33 1.03
C VAL B 181 -24.98 -24.14 1.68
N ASP B 182 -24.47 -25.12 0.94
CA ASP B 182 -23.31 -25.90 1.38
C ASP B 182 -22.08 -25.07 1.10
N LEU B 183 -21.45 -24.58 2.17
CA LEU B 183 -20.31 -23.68 2.08
C LEU B 183 -19.12 -24.37 2.69
N VAL B 184 -17.99 -24.33 1.98
CA VAL B 184 -16.70 -24.75 2.53
C VAL B 184 -15.75 -23.59 2.39
N VAL B 185 -14.87 -23.42 3.37
CA VAL B 185 -13.97 -22.27 3.38
C VAL B 185 -12.51 -22.72 3.39
N ILE B 186 -11.71 -22.07 2.57
CA ILE B 186 -10.26 -22.31 2.59
C ILE B 186 -9.55 -21.05 3.12
N ASN B 187 -8.55 -21.27 3.98
CA ASN B 187 -7.82 -20.18 4.60
C ASN B 187 -6.34 -20.25 4.25
N PRO B 188 -5.95 -19.66 3.10
CA PRO B 188 -4.53 -19.71 2.78
C PRO B 188 -3.72 -18.73 3.59
N VAL B 189 -2.46 -19.08 3.76
CA VAL B 189 -1.48 -18.16 4.26
C VAL B 189 -0.89 -17.38 3.08
N LEU B 190 0.23 -16.69 3.30
CA LEU B 190 0.82 -15.90 2.21
C LEU B 190 1.14 -16.79 1.01
N VAL B 191 0.68 -16.37 -0.17
CA VAL B 191 0.70 -17.21 -1.36
C VAL B 191 1.72 -16.66 -2.35
N GLN B 192 2.64 -17.54 -2.76
CA GLN B 192 3.61 -17.19 -3.78
C GLN B 192 3.55 -18.17 -4.94
N GLY B 193 4.26 -17.82 -6.02
CA GLY B 193 4.37 -18.69 -7.17
C GLY B 193 4.42 -17.85 -8.42
N PRO B 194 4.40 -18.48 -9.62
CA PRO B 194 4.45 -17.73 -10.88
C PRO B 194 3.11 -17.01 -11.11
N LEU B 195 3.20 -15.81 -11.66
CA LEU B 195 2.05 -14.99 -12.04
C LEU B 195 1.60 -15.24 -13.47
N LEU B 196 0.33 -15.61 -13.67
CA LEU B 196 -0.20 -15.67 -15.03
C LEU B 196 -0.60 -14.27 -15.54
N GLN B 197 -1.02 -13.40 -14.64
CA GLN B 197 -1.43 -12.04 -14.98
C GLN B 197 -0.23 -11.13 -15.24
N THR B 198 -0.48 -9.93 -15.77
CA THR B 198 0.62 -9.06 -16.20
C THR B 198 1.16 -8.12 -15.11
N THR B 199 0.35 -7.91 -14.08
CA THR B 199 0.73 -7.03 -12.99
C THR B 199 1.20 -7.84 -11.79
N VAL B 200 1.55 -7.12 -10.73
CA VAL B 200 2.04 -7.77 -9.54
C VAL B 200 1.05 -7.51 -8.41
N ASN B 201 0.46 -8.59 -7.93
CA ASN B 201 -0.52 -8.53 -6.86
C ASN B 201 0.13 -8.39 -5.51
N ALA B 202 -0.66 -8.11 -4.49
CA ALA B 202 -0.11 -7.74 -3.21
C ALA B 202 0.83 -8.79 -2.59
N SER B 203 0.46 -10.07 -2.63
CA SER B 203 1.27 -11.05 -1.93
C SER B 203 2.66 -11.15 -2.57
N VAL B 204 2.72 -11.04 -3.89
CA VAL B 204 4.01 -11.16 -4.58
C VAL B 204 4.89 -9.94 -4.34
N LEU B 205 4.29 -8.81 -3.97
CA LEU B 205 5.08 -7.60 -3.67
C LEU B 205 5.99 -7.86 -2.49
N HIS B 206 5.62 -8.84 -1.66
CA HIS B 206 6.39 -9.21 -0.48
C HIS B 206 7.73 -9.79 -0.88
N ILE B 207 7.78 -10.41 -2.05
CA ILE B 207 9.04 -10.99 -2.52
C ILE B 207 9.75 -10.01 -3.44
N LEU B 208 9.00 -9.32 -4.29
CA LEU B 208 9.57 -8.38 -5.23
C LEU B 208 10.43 -7.32 -4.49
N LYS B 209 9.96 -6.87 -3.33
CA LYS B 209 10.68 -5.79 -2.61
C LYS B 209 12.10 -6.20 -2.20
N TYR B 210 12.31 -7.50 -2.01
CA TYR B 210 13.67 -7.97 -1.66
C TYR B 210 14.55 -7.97 -2.90
N LEU B 211 13.98 -8.36 -4.04
CA LEU B 211 14.72 -8.45 -5.30
C LEU B 211 15.03 -7.07 -5.89
N THR B 212 14.15 -6.10 -5.68
CA THR B 212 14.43 -4.75 -6.17
C THR B 212 15.31 -3.99 -5.17
N GLY B 213 15.46 -4.53 -3.97
CA GLY B 213 16.20 -3.86 -2.92
C GLY B 213 15.44 -2.70 -2.29
N SER B 214 14.16 -2.55 -2.57
CA SER B 214 13.40 -1.53 -1.84
C SER B 214 13.37 -1.83 -0.36
N ALA B 215 13.34 -3.11 -0.01
CA ALA B 215 13.52 -3.55 1.37
C ALA B 215 15.02 -3.51 1.67
N LYS B 216 15.38 -2.77 2.70
CA LYS B 216 16.77 -2.57 3.05
C LYS B 216 17.22 -3.50 4.14
N THR B 217 16.25 -4.11 4.82
CA THR B 217 16.52 -5.07 5.87
C THR B 217 15.41 -6.10 5.85
N TYR B 218 15.55 -7.12 6.66
CA TYR B 218 14.45 -8.04 6.96
C TYR B 218 14.14 -8.02 8.45
N ALA B 219 12.86 -8.11 8.81
CA ALA B 219 12.44 -8.10 10.21
C ALA B 219 12.70 -9.43 10.92
N ASN B 220 12.86 -9.39 12.23
CA ASN B 220 12.95 -10.62 13.03
C ASN B 220 11.53 -11.17 13.22
N SER B 221 11.06 -11.87 12.21
CA SER B 221 9.67 -12.35 12.21
C SER B 221 9.55 -13.59 11.34
N VAL B 222 8.48 -14.36 11.56
CA VAL B 222 8.25 -15.56 10.79
C VAL B 222 6.91 -15.44 10.14
N GLN B 223 6.72 -16.16 9.06
CA GLN B 223 5.36 -16.34 8.55
C GLN B 223 5.26 -17.53 7.63
N ALA B 224 4.01 -17.92 7.39
CA ALA B 224 3.71 -19.13 6.66
C ALA B 224 3.58 -18.83 5.17
N TYR B 225 3.99 -19.79 4.37
CA TYR B 225 3.98 -19.66 2.92
C TYR B 225 3.27 -20.88 2.31
N VAL B 226 2.68 -20.67 1.14
CA VAL B 226 2.12 -21.77 0.37
C VAL B 226 2.19 -21.40 -1.12
N ASP B 227 2.34 -22.41 -1.99
CA ASP B 227 2.36 -22.18 -3.43
C ASP B 227 0.94 -22.03 -4.02
N VAL B 228 0.85 -21.14 -5.00
CA VAL B 228 -0.41 -20.77 -5.63
C VAL B 228 -1.04 -21.94 -6.36
N LYS B 229 -0.24 -22.84 -6.93
CA LYS B 229 -0.85 -24.01 -7.58
C LYS B 229 -1.52 -24.93 -6.56
N ASP B 230 -0.84 -25.18 -5.43
CA ASP B 230 -1.45 -25.93 -4.33
C ASP B 230 -2.75 -25.25 -3.86
N VAL B 231 -2.76 -23.94 -3.74
CA VAL B 231 -3.99 -23.22 -3.32
C VAL B 231 -5.14 -23.47 -4.30
N ALA B 232 -4.84 -23.35 -5.59
CA ALA B 232 -5.82 -23.59 -6.61
C ALA B 232 -6.34 -25.04 -6.55
N LEU B 233 -5.42 -25.99 -6.53
CA LEU B 233 -5.76 -27.39 -6.43
C LEU B 233 -6.58 -27.66 -5.17
N ALA B 234 -6.24 -27.01 -4.07
CA ALA B 234 -6.99 -27.21 -2.82
C ALA B 234 -8.45 -26.74 -2.94
N HIS B 235 -8.66 -25.59 -3.60
CA HIS B 235 -10.04 -25.12 -3.83
C HIS B 235 -10.84 -26.21 -4.56
N ILE B 236 -10.24 -26.79 -5.60
CA ILE B 236 -10.95 -27.80 -6.38
C ILE B 236 -11.23 -29.05 -5.54
N LEU B 237 -10.26 -29.44 -4.73
CA LEU B 237 -10.41 -30.61 -3.86
C LEU B 237 -11.58 -30.41 -2.88
N LEU B 238 -11.69 -29.21 -2.32
CA LEU B 238 -12.78 -28.91 -1.39
C LEU B 238 -14.14 -28.90 -2.09
N TYR B 239 -14.17 -28.50 -3.35
CA TYR B 239 -15.41 -28.55 -4.14
C TYR B 239 -15.84 -30.00 -4.44
N GLU B 240 -14.86 -30.80 -4.88
CA GLU B 240 -15.14 -32.13 -5.41
C GLU B 240 -15.29 -33.20 -4.33
N THR B 241 -14.87 -32.92 -3.10
CA THR B 241 -14.91 -33.95 -2.06
C THR B 241 -16.22 -33.84 -1.30
N PRO B 242 -17.13 -34.80 -1.48
CA PRO B 242 -18.47 -34.60 -0.91
C PRO B 242 -18.45 -34.33 0.62
N GLU B 243 -17.57 -35.02 1.33
CA GLU B 243 -17.49 -34.93 2.79
C GLU B 243 -16.78 -33.68 3.33
N ALA B 244 -16.23 -32.86 2.45
CA ALA B 244 -15.54 -31.64 2.91
C ALA B 244 -16.53 -30.77 3.70
N SER B 245 -16.05 -30.18 4.78
CA SER B 245 -16.90 -29.43 5.69
C SER B 245 -16.05 -28.49 6.53
N GLY B 246 -16.52 -27.27 6.75
CA GLY B 246 -15.88 -26.36 7.66
C GLY B 246 -14.79 -25.54 6.99
N ARG B 247 -13.79 -25.15 7.77
CA ARG B 247 -12.67 -24.33 7.29
C ARG B 247 -11.44 -25.22 7.08
N TYR B 248 -10.53 -24.78 6.22
CA TYR B 248 -9.33 -25.57 5.92
C TYR B 248 -8.11 -24.67 5.83
N LEU B 249 -7.16 -24.81 6.75
CA LEU B 249 -5.95 -24.00 6.76
C LEU B 249 -5.03 -24.51 5.64
N CYS B 250 -4.57 -23.60 4.77
CA CYS B 250 -3.82 -23.98 3.59
C CYS B 250 -2.44 -23.34 3.64
N ALA B 251 -1.46 -24.13 4.08
CA ALA B 251 -0.11 -23.64 4.33
C ALA B 251 0.88 -24.77 4.20
N GLU B 252 2.10 -24.47 3.76
CA GLU B 252 3.09 -25.53 3.66
C GLU B 252 4.09 -25.51 4.81
N SER B 253 4.62 -24.34 5.13
CA SER B 253 5.55 -24.21 6.24
C SER B 253 5.68 -22.75 6.68
N VAL B 254 6.31 -22.57 7.82
CA VAL B 254 6.58 -21.25 8.37
C VAL B 254 8.08 -21.01 8.32
N LEU B 255 8.46 -19.87 7.76
CA LEU B 255 9.86 -19.45 7.66
C LEU B 255 10.11 -18.10 8.33
N HIS B 256 11.26 -18.03 8.97
CA HIS B 256 11.81 -16.75 9.35
C HIS B 256 12.22 -15.99 8.09
N ARG B 257 12.04 -14.68 8.11
CA ARG B 257 12.35 -13.86 6.94
C ARG B 257 13.83 -13.93 6.56
N GLY B 258 14.67 -14.13 7.58
CA GLY B 258 16.09 -14.32 7.36
C GLY B 258 16.37 -15.53 6.51
N ASP B 259 15.56 -16.56 6.66
CA ASP B 259 15.76 -17.78 5.89
C ASP B 259 15.17 -17.57 4.49
N VAL B 260 14.08 -16.81 4.39
CA VAL B 260 13.54 -16.41 3.08
C VAL B 260 14.57 -15.66 2.24
N VAL B 261 15.17 -14.63 2.81
CA VAL B 261 16.17 -13.88 2.02
C VAL B 261 17.43 -14.71 1.75
N GLU B 262 17.80 -15.60 2.66
CA GLU B 262 18.93 -16.48 2.41
C GLU B 262 18.64 -17.32 1.17
N ILE B 263 17.44 -17.90 1.11
CA ILE B 263 17.03 -18.67 -0.05
C ILE B 263 17.10 -17.82 -1.34
N LEU B 264 16.54 -16.62 -1.30
CA LEU B 264 16.48 -15.79 -2.51
C LEU B 264 17.88 -15.36 -2.95
N SER B 265 18.70 -15.00 -1.97
CA SER B 265 20.05 -14.53 -2.29
C SER B 265 20.91 -15.64 -2.91
N LYS B 266 20.65 -16.90 -2.54
CA LYS B 266 21.43 -18.01 -3.09
C LYS B 266 21.02 -18.29 -4.54
N PHE B 267 19.72 -18.29 -4.81
CA PHE B 267 19.22 -18.48 -6.16
C PHE B 267 19.57 -17.31 -7.07
N PHE B 268 19.61 -16.11 -6.47
CA PHE B 268 19.70 -14.84 -7.22
C PHE B 268 20.76 -13.91 -6.62
N PRO B 269 22.03 -14.32 -6.66
CA PRO B 269 23.11 -13.58 -6.02
C PRO B 269 23.41 -12.20 -6.61
N GLU B 270 22.87 -11.90 -7.79
CA GLU B 270 23.16 -10.65 -8.49
C GLU B 270 22.25 -9.49 -8.03
N TYR B 271 21.25 -9.80 -7.21
CA TYR B 271 20.26 -8.81 -6.81
C TYR B 271 20.50 -8.31 -5.39
N PRO B 272 20.02 -7.09 -5.10
CA PRO B 272 20.28 -6.39 -3.84
C PRO B 272 19.34 -6.81 -2.72
N ILE B 273 19.26 -8.13 -2.55
CA ILE B 273 18.51 -8.74 -1.46
C ILE B 273 19.19 -8.39 -0.13
N PRO B 274 18.42 -7.86 0.83
CA PRO B 274 19.04 -7.52 2.12
C PRO B 274 19.60 -8.74 2.89
N THR B 275 20.71 -8.56 3.61
CA THR B 275 21.18 -9.60 4.55
C THR B 275 21.16 -9.09 6.00
N LYS B 276 20.91 -7.80 6.13
CA LYS B 276 20.81 -7.15 7.42
C LYS B 276 19.44 -7.35 8.01
N CYS B 277 19.39 -7.72 9.27
CA CYS B 277 18.14 -7.80 10.01
C CYS B 277 17.89 -6.47 10.68
N SER B 278 16.62 -6.07 10.67
CA SER B 278 16.16 -4.79 11.18
C SER B 278 16.48 -4.61 12.62
N ASP B 279 16.38 -5.70 13.39
CA ASP B 279 16.59 -5.68 14.84
C ASP B 279 17.03 -7.05 15.36
N VAL B 280 18.27 -7.16 15.83
CA VAL B 280 18.77 -8.42 16.34
C VAL B 280 18.92 -8.42 17.85
N THR B 281 18.16 -7.55 18.53
CA THR B 281 18.22 -7.49 20.00
C THR B 281 17.77 -8.79 20.68
N LYS B 282 16.84 -9.49 20.06
CA LYS B 282 16.32 -10.77 20.57
C LYS B 282 16.80 -11.84 19.63
N PRO B 283 16.82 -13.09 20.09
CA PRO B 283 17.14 -14.19 19.19
C PRO B 283 16.12 -14.28 18.08
N ARG B 284 16.44 -15.01 17.01
CA ARG B 284 15.40 -15.19 15.98
C ARG B 284 14.13 -15.77 16.56
N VAL B 285 13.00 -15.17 16.21
CA VAL B 285 11.68 -15.71 16.53
C VAL B 285 11.57 -17.11 15.91
N LYS B 286 10.98 -18.05 16.64
CA LYS B 286 10.82 -19.40 16.11
C LYS B 286 9.52 -19.54 15.33
N PRO B 287 9.52 -20.38 14.30
CA PRO B 287 8.24 -20.66 13.65
C PRO B 287 7.15 -21.10 14.65
N TYR B 288 5.96 -20.57 14.46
CA TYR B 288 4.81 -21.04 15.24
C TYR B 288 4.33 -22.38 14.68
N LYS B 289 3.68 -23.17 15.54
CA LYS B 289 3.09 -24.44 15.13
C LYS B 289 1.73 -24.23 14.48
N PHE B 290 1.47 -24.96 13.40
CA PHE B 290 0.15 -24.93 12.75
C PHE B 290 -0.22 -26.34 12.32
N SER B 291 -1.47 -26.51 11.93
CA SER B 291 -1.91 -27.77 11.38
C SER B 291 -2.51 -27.58 9.99
N ASN B 292 -2.01 -28.36 9.04
CA ASN B 292 -2.64 -28.45 7.72
C ASN B 292 -3.15 -29.87 7.52
N GLN B 293 -3.39 -30.56 8.63
CA GLN B 293 -3.82 -31.97 8.61
C GLN B 293 -5.15 -32.18 7.89
N LYS B 294 -6.07 -31.22 7.98
CA LYS B 294 -7.38 -31.39 7.33
C LYS B 294 -7.23 -31.54 5.82
N LEU B 295 -6.43 -30.67 5.21
CA LEU B 295 -6.20 -30.76 3.77
C LEU B 295 -5.35 -31.96 3.43
N LYS B 296 -4.39 -32.28 4.29
CA LYS B 296 -3.54 -33.42 4.02
C LYS B 296 -4.39 -34.70 4.00
N ASP B 297 -5.34 -34.79 4.91
CA ASP B 297 -6.16 -36.00 5.03
C ASP B 297 -7.08 -36.19 3.82
N LEU B 298 -7.31 -35.12 3.05
CA LEU B 298 -8.10 -35.20 1.82
C LEU B 298 -7.20 -35.54 0.60
N GLY B 299 -5.90 -35.70 0.84
CA GLY B 299 -4.99 -36.14 -0.20
C GLY B 299 -4.05 -35.09 -0.75
N LEU B 300 -4.19 -33.84 -0.31
CA LEU B 300 -3.37 -32.76 -0.86
C LEU B 300 -1.90 -32.92 -0.45
N GLU B 301 -0.98 -32.80 -1.41
CA GLU B 301 0.45 -32.71 -1.10
C GLU B 301 0.97 -31.29 -1.41
N PHE B 302 1.73 -30.73 -0.47
CA PHE B 302 2.18 -29.35 -0.58
C PHE B 302 3.55 -29.24 -1.22
N THR B 303 3.67 -28.34 -2.19
CA THR B 303 4.94 -28.04 -2.82
C THR B 303 5.85 -27.37 -1.80
N PRO B 304 7.12 -27.83 -1.70
CA PRO B 304 8.00 -27.11 -0.79
C PRO B 304 8.21 -25.63 -1.18
N VAL B 305 8.22 -24.78 -0.16
CA VAL B 305 8.34 -23.33 -0.32
C VAL B 305 9.54 -22.87 -1.18
N LYS B 306 10.68 -23.54 -1.04
CA LYS B 306 11.88 -23.12 -1.79
C LYS B 306 11.68 -23.08 -3.31
N GLN B 307 11.02 -24.11 -3.82
CA GLN B 307 10.72 -24.22 -5.25
C GLN B 307 9.78 -23.11 -5.66
N CYS B 308 8.84 -22.85 -4.78
CA CYS B 308 7.84 -21.83 -4.96
C CYS B 308 8.43 -20.40 -5.02
N LEU B 309 9.34 -20.09 -4.12
CA LEU B 309 9.99 -18.78 -4.13
C LEU B 309 10.82 -18.63 -5.40
N TYR B 310 11.54 -19.68 -5.77
CA TYR B 310 12.30 -19.66 -7.02
C TYR B 310 11.43 -19.30 -8.22
N GLU B 311 10.29 -19.98 -8.37
CA GLU B 311 9.40 -19.76 -9.50
C GLU B 311 8.79 -18.36 -9.49
N THR B 312 8.52 -17.84 -8.30
CA THR B 312 7.97 -16.49 -8.19
C THR B 312 8.94 -15.52 -8.89
N VAL B 313 10.22 -15.59 -8.54
CA VAL B 313 11.20 -14.65 -9.08
C VAL B 313 11.40 -14.83 -10.59
N LYS B 314 11.49 -16.08 -11.04
CA LYS B 314 11.62 -16.37 -12.46
C LYS B 314 10.46 -15.76 -13.23
N SER B 315 9.26 -15.84 -12.65
CA SER B 315 8.09 -15.24 -13.29
C SER B 315 8.19 -13.72 -13.35
N LEU B 316 8.62 -13.10 -12.24
CA LEU B 316 8.77 -11.64 -12.23
C LEU B 316 9.79 -11.19 -13.27
N GLN B 317 10.88 -11.95 -13.40
CA GLN B 317 11.87 -11.65 -14.43
C GLN B 317 11.23 -11.72 -15.82
N GLU B 318 10.56 -12.84 -16.15
CA GLU B 318 9.93 -12.96 -17.46
C GLU B 318 8.93 -11.84 -17.71
N LYS B 319 8.16 -11.48 -16.69
CA LYS B 319 7.09 -10.51 -16.86
C LYS B 319 7.63 -9.10 -16.93
N GLY B 320 8.95 -8.95 -16.85
CA GLY B 320 9.60 -7.67 -17.07
C GLY B 320 9.73 -6.79 -15.82
N HIS B 321 9.56 -7.37 -14.65
CA HIS B 321 9.58 -6.59 -13.42
C HIS B 321 10.98 -6.56 -12.75
N LEU B 322 11.94 -7.34 -13.25
CA LEU B 322 13.25 -7.51 -12.59
C LEU B 322 14.46 -7.63 -13.51
N PRO B 323 14.81 -6.56 -14.23
CA PRO B 323 16.04 -6.68 -15.03
C PRO B 323 17.30 -6.93 -14.18
N ILE B 324 18.25 -7.68 -14.73
CA ILE B 324 19.48 -7.99 -14.02
C ILE B 324 20.18 -6.66 -13.72
N PRO B 325 20.49 -6.40 -12.44
CA PRO B 325 20.94 -5.05 -12.08
C PRO B 325 22.46 -4.91 -12.02
PA NAP C . 7.06 10.96 -3.43
O1A NAP C . 6.97 9.46 -3.30
O2A NAP C . 6.53 11.58 -4.70
O5B NAP C . 8.54 11.50 -3.23
C5B NAP C . 9.48 10.77 -2.48
C4B NAP C . 10.78 10.70 -3.15
O4B NAP C . 11.77 10.15 -2.27
C3B NAP C . 10.73 9.91 -4.40
O3B NAP C . 11.17 10.85 -5.38
C2B NAP C . 11.80 8.98 -4.27
O2B NAP C . 12.48 8.39 -5.34
C1B NAP C . 12.50 9.25 -3.00
N9A NAP C . 13.32 8.28 -2.40
C8A NAP C . 12.79 7.24 -1.69
N7A NAP C . 13.75 6.47 -1.21
C5A NAP C . 14.96 6.98 -1.65
C6A NAP C . 16.28 6.60 -1.49
N6A NAP C . 16.63 5.45 -0.79
N1A NAP C . 17.24 7.33 -2.07
C2A NAP C . 16.91 8.42 -2.75
N3A NAP C . 15.64 8.86 -2.95
C4A NAP C . 14.68 8.14 -2.39
O3 NAP C . 6.35 11.57 -2.17
PN NAP C . 6.19 13.00 -1.51
O1N NAP C . 4.81 13.01 -0.89
O2N NAP C . 6.46 14.09 -2.51
O5D NAP C . 7.27 12.93 -0.39
C5D NAP C . 8.25 13.93 -0.15
C4D NAP C . 8.52 14.22 1.27
O4D NAP C . 7.35 14.83 1.84
C3D NAP C . 8.78 13.01 2.07
O3D NAP C . 9.78 13.19 3.05
C2D NAP C . 7.51 12.73 2.74
O2D NAP C . 7.67 11.94 3.90
C1D NAP C . 7.04 14.12 3.06
N1N NAP C . 5.67 14.31 3.30
C2N NAP C . 4.72 14.13 2.37
C3N NAP C . 3.37 14.43 2.64
C7N NAP C . 2.28 14.21 1.63
O7N NAP C . 1.09 14.23 2.00
N7N NAP C . 2.61 13.97 0.26
C4N NAP C . 3.00 14.91 3.89
C5N NAP C . 4.02 15.12 4.84
C6N NAP C . 5.34 14.81 4.52
P2B NAP C . 12.08 7.21 -6.21
O1X NAP C . 10.89 7.70 -7.08
O2X NAP C . 13.23 6.80 -7.10
O3X NAP C . 11.65 6.08 -5.36
H51A NAP C . 9.59 11.20 -1.59
H52A NAP C . 9.14 9.84 -2.36
H4B NAP C . 11.06 11.63 -3.38
H3B NAP C . 9.86 9.52 -4.59
HO3A NAP C . 10.55 10.92 -6.00
H2B NAP C . 12.31 9.72 -4.61
H1B NAP C . 11.85 8.64 -2.65
H8A NAP C . 11.82 7.11 -1.52
H61A NAP C . 17.53 5.19 -0.72
H62A NAP C . 15.98 4.93 -0.37
H2A NAP C . 17.61 8.92 -3.14
H51N NAP C . 7.95 14.77 -0.60
H52N NAP C . 9.06 13.64 -0.56
H4D NAP C . 9.30 14.85 1.35
H3D NAP C . 9.02 12.27 1.49
HO3N NAP C . 10.54 12.78 2.79
H2D NAP C . 6.88 12.29 2.10
HO2N NAP C . 7.40 11.09 3.72
H1D NAP C . 7.55 14.48 3.78
H2N NAP C . 4.97 13.79 1.45
H71N NAP C . 1.95 13.84 -0.37
H72N NAP C . 3.48 13.96 0.00
H4N NAP C . 2.07 15.10 4.10
H5N NAP C . 3.78 15.46 5.75
H6N NAP C . 6.02 14.96 5.18
PA NAP D . -5.63 -10.29 -6.63
O1A NAP D . -5.59 -8.80 -6.40
O2A NAP D . -4.87 -10.71 -7.88
O5B NAP D . -7.08 -10.81 -7.00
C5B NAP D . -8.24 -10.20 -6.51
C4B NAP D . -9.34 -10.00 -7.47
O4B NAP D . -10.48 -9.49 -6.81
C3B NAP D . -8.95 -9.01 -8.51
O3B NAP D . -8.99 -9.70 -9.77
C2B NAP D . -9.94 -7.96 -8.41
O2B NAP D . -10.35 -7.42 -9.66
C1B NAP D . -11.09 -8.68 -7.75
N9A NAP D . -11.99 -7.74 -7.16
C8A NAP D . -11.70 -6.84 -6.18
N7A NAP D . -12.78 -6.10 -5.88
C5A NAP D . -13.81 -6.53 -6.73
C6A NAP D . -15.14 -6.12 -6.89
N6A NAP D . -15.68 -5.07 -6.13
N1A NAP D . -15.84 -6.76 -7.81
C2A NAP D . -15.32 -7.75 -8.54
N3A NAP D . -14.06 -8.16 -8.43
C4A NAP D . -13.30 -7.57 -7.52
O3 NAP D . -5.25 -11.05 -5.26
PN NAP D . -5.31 -12.60 -4.85
O1N NAP D . -4.19 -12.75 -3.86
O2N NAP D . -5.27 -13.50 -6.09
O5D NAP D . -6.71 -12.67 -4.13
C5D NAP D . -7.69 -13.67 -4.32
C4D NAP D . -8.36 -14.11 -3.06
O4D NAP D . -7.40 -14.86 -2.30
C3D NAP D . -8.81 -13.01 -2.19
O3D NAP D . -10.04 -13.37 -1.60
C2D NAP D . -7.81 -12.81 -1.15
O2D NAP D . -8.24 -12.28 0.07
C1D NAP D . -7.24 -14.17 -1.02
N1N NAP D . -6.10 -14.56 -0.31
C2N NAP D . -4.91 -14.23 -0.86
C3N NAP D . -3.72 -14.62 -0.26
C7N NAP D . -2.42 -14.26 -0.93
O7N NAP D . -1.39 -14.33 -0.31
N7N NAP D . -2.38 -13.87 -2.32
C4N NAP D . -3.71 -15.30 0.96
C5N NAP D . -4.97 -15.63 1.50
C6N NAP D . -6.13 -15.24 0.85
P2B NAP D . -9.82 -6.06 -10.25
O1X NAP D . -8.42 -6.38 -10.82
O2X NAP D . -10.68 -5.53 -11.34
O3X NAP D . -9.66 -5.04 -9.17
H51A NAP D . -7.98 -9.30 -6.13
H52A NAP D . -8.59 -10.76 -5.78
H4B NAP D . -9.56 -10.86 -7.90
H3B NAP D . -8.06 -8.65 -8.33
HO3A NAP D . -8.17 -9.78 -10.08
H2B NAP D . -9.62 -7.27 -7.84
H1B NAP D . -11.56 -9.23 -8.39
H8A NAP D . -10.83 -6.76 -5.73
H61A NAP D . -15.17 -4.65 -5.48
H62A NAP D . -16.56 -4.81 -6.28
H2A NAP D . -15.87 -8.16 -9.18
H51N NAP D . -7.26 -14.46 -4.75
H52N NAP D . -8.36 -13.32 -4.90
H4D NAP D . -9.13 -14.70 -3.28
H3D NAP D . -8.92 -12.20 -2.71
HO3N NAP D . -10.71 -12.91 -1.99
H2D NAP D . -7.10 -12.21 -1.52
HO2N NAP D . -7.96 -11.42 0.14
H1D NAP D . -6.53 -13.71 -1.48
H2N NAP D . -4.89 -13.76 -1.74
H71N NAP D . -1.58 -13.65 -2.72
H72N NAP D . -3.15 -13.82 -2.80
H4N NAP D . -2.89 -15.57 1.39
H5N NAP D . -5.02 -16.12 2.37
H6N NAP D . -6.98 -15.45 1.25
#